data_1Y8Z
#
_entry.id   1Y8Z
#
_cell.length_a   41.263
_cell.length_b   114.655
_cell.length_c   86.143
_cell.angle_alpha   90.00
_cell.angle_beta   89.49
_cell.angle_gamma   90.00
#
_symmetry.space_group_name_H-M   'P 1 21 1'
#
loop_
_entity.id
_entity.type
_entity.pdbx_description
1 polymer "5'-D(*GP*AP*TP*AP*CP*TP*(5HU)P*AP*GP*AP*TP*AP*G)-3'"
2 polymer "5'-D(*CP*TP*AP*TP*CP*TP*GP*AP*G)-3'"
3 polymer 'DNA alpha-glucosyltransferase'
4 non-polymer 'COBALT HEXAMMINE(III)'
5 non-polymer "URIDINE-5'-DIPHOSPHATE"
6 non-polymer GLYCEROL
7 non-polymer 'CHLORIDE ION'
8 water water
#
loop_
_entity_poly.entity_id
_entity_poly.type
_entity_poly.pdbx_seq_one_letter_code
_entity_poly.pdbx_strand_id
1 'polydeoxyribonucleotide' (DG)(DA)(DT)(DA)(DC)(DT)(5HU)(DA)(DG)(DA)(DT)(DA)(DG) C
2 'polydeoxyribonucleotide' (DC)(DT)(DA)(DT)(DC)(DT)(DG)(DA)(DG) D
3 'polypeptide(L)'
;GSMRICIFMARGLEG(CME)GVTKFSLEQRDWFIKNGHEVTLVYAKDKSFTRTSSHDHKSFSIPVILAKEYDKALKLVND
CDILIINSVPATSVQEATINNYKKLLDNIKPSIRVVVYQHDHSVLSLRRNLGLEETVRRADVIFSHSDNGDFNKVLMKEW
YPETVSLFDDIEEAPTVYNFQPPMDIVKVRSTYWKDVSEINMNINRWIGRTTTWKGFYQMFDFHEKFLKPAGKSTVMEGL
ERSPAFIAIKEKGIPYEYYGNREIDKMNLAPNQPAQILD(CME)YINSEMLERMSKSGFGYQLSKLNQKYLQRSLEYTHL
ELGACGTIPVFWKSTGENLKFRVDNTPLTSHDSGIIWFDENDMESTFERIKELSSDRALYDREREKAYEFLYQHQDSSFC
FKEQFDIITK
;
A,B
#
# COMPACT_ATOMS: atom_id res chain seq x y z
N GLY C 1 1.00 -27.49 33.20
CA GLY C 1 0.86 -27.30 34.67
C GLY C 1 0.59 -25.84 35.01
N SER C 2 -0.38 -25.25 34.32
CA SER C 2 -0.76 -23.84 34.48
C SER C 2 0.45 -22.94 34.38
N MET C 3 0.82 -22.62 33.14
CA MET C 3 1.96 -21.77 32.87
C MET C 3 1.56 -20.53 32.09
N ARG C 4 2.52 -19.62 31.97
CA ARG C 4 2.32 -18.38 31.22
C ARG C 4 2.99 -18.61 29.87
N ILE C 5 2.22 -18.45 28.81
CA ILE C 5 2.72 -18.68 27.47
C ILE C 5 2.83 -17.39 26.67
N CYS C 6 3.97 -17.15 26.05
CA CYS C 6 4.10 -15.98 25.17
C CYS C 6 4.28 -16.52 23.75
N ILE C 7 3.32 -16.22 22.88
CA ILE C 7 3.38 -16.63 21.47
C ILE C 7 3.90 -15.41 20.72
N PHE C 8 5.03 -15.59 20.02
CA PHE C 8 5.72 -14.49 19.34
C PHE C 8 5.90 -14.63 17.83
N MET C 9 5.29 -13.71 17.07
CA MET C 9 5.46 -13.71 15.62
C MET C 9 6.40 -12.56 15.32
N ALA C 10 7.69 -12.87 15.29
CA ALA C 10 8.75 -11.88 15.06
C ALA C 10 8.81 -11.37 13.62
N ARG C 11 8.06 -11.99 12.72
CA ARG C 11 8.06 -11.56 11.34
C ARG C 11 7.00 -10.48 11.18
N GLY C 12 6.03 -10.53 12.08
CA GLY C 12 4.92 -9.60 12.04
C GLY C 12 3.64 -10.43 11.98
N LEU C 13 2.50 -9.78 11.97
CA LEU C 13 1.24 -10.50 11.89
C LEU C 13 0.84 -10.48 10.43
N GLU C 14 1.22 -11.55 9.72
CA GLU C 14 0.98 -11.64 8.30
C GLU C 14 -0.45 -11.94 7.84
N GLY C 15 -1.26 -12.57 8.69
CA GLY C 15 -2.64 -12.83 8.33
C GLY C 15 -2.94 -14.13 7.62
N GLY C 17 -1.42 -18.55 7.42
CA GLY C 17 -1.33 -19.73 8.27
C GLY C 17 -0.59 -19.61 9.59
N VAL C 18 0.44 -18.77 9.63
CA VAL C 18 1.20 -18.60 10.86
C VAL C 18 0.36 -17.81 11.86
N THR C 19 -0.33 -16.79 11.37
CA THR C 19 -1.20 -15.99 12.24
C THR C 19 -2.35 -16.88 12.73
N LYS C 20 -2.96 -17.63 11.81
CA LYS C 20 -4.06 -18.51 12.19
C LYS C 20 -3.62 -19.53 13.24
N PHE C 21 -2.45 -20.12 13.03
CA PHE C 21 -1.93 -21.11 13.97
C PHE C 21 -1.75 -20.46 15.35
N SER C 22 -1.14 -19.28 15.36
CA SER C 22 -0.89 -18.58 16.63
C SER C 22 -2.20 -18.30 17.34
N LEU C 23 -3.24 -17.97 16.58
CA LEU C 23 -4.54 -17.69 17.20
C LEU C 23 -5.16 -18.96 17.74
N GLU C 24 -5.06 -20.07 16.98
CA GLU C 24 -5.62 -21.34 17.45
C GLU C 24 -4.82 -21.86 18.63
N GLN C 25 -3.52 -21.61 18.62
CA GLN C 25 -2.63 -22.06 19.70
C GLN C 25 -3.03 -21.32 20.98
N ARG C 26 -3.20 -20.01 20.87
CA ARG C 26 -3.60 -19.19 22.01
C ARG C 26 -4.91 -19.74 22.57
N ASP C 27 -5.89 -19.97 21.69
CA ASP C 27 -7.17 -20.48 22.14
C ASP C 27 -7.04 -21.79 22.91
N TRP C 28 -6.22 -22.71 22.39
CA TRP C 28 -6.05 -23.99 23.07
C TRP C 28 -5.42 -23.82 24.44
N PHE C 29 -4.37 -23.02 24.53
CA PHE C 29 -3.72 -22.84 25.83
C PHE C 29 -4.67 -22.22 26.85
N ILE C 30 -5.46 -21.24 26.40
CA ILE C 30 -6.42 -20.58 27.29
C ILE C 30 -7.49 -21.59 27.72
N LYS C 31 -8.00 -22.34 26.75
CA LYS C 31 -9.02 -23.34 27.00
C LYS C 31 -8.53 -24.38 28.02
N ASN C 32 -7.24 -24.67 27.99
CA ASN C 32 -6.66 -25.63 28.91
C ASN C 32 -6.02 -25.10 30.18
N GLY C 33 -6.46 -23.92 30.61
CA GLY C 33 -5.98 -23.36 31.87
C GLY C 33 -4.71 -22.54 31.97
N HIS C 34 -4.11 -22.18 30.84
CA HIS C 34 -2.87 -21.41 30.88
C HIS C 34 -3.13 -19.96 30.51
N GLU C 35 -2.18 -19.08 30.85
CA GLU C 35 -2.30 -17.66 30.52
C GLU C 35 -1.48 -17.41 29.26
N VAL C 36 -2.01 -16.61 28.34
CA VAL C 36 -1.32 -16.36 27.09
C VAL C 36 -1.21 -14.88 26.71
N THR C 37 -0.05 -14.52 26.16
CA THR C 37 0.17 -13.18 25.63
C THR C 37 0.60 -13.44 24.20
N LEU C 38 -0.07 -12.79 23.24
CA LEU C 38 0.24 -12.94 21.83
C LEU C 38 0.90 -11.65 21.37
N VAL C 39 2.17 -11.77 20.98
CA VAL C 39 3.01 -10.63 20.57
C VAL C 39 3.53 -10.73 19.15
N TYR C 40 3.55 -9.60 18.44
CA TYR C 40 4.10 -9.62 17.08
C TYR C 40 4.92 -8.36 16.81
N ALA C 41 6.00 -8.50 16.05
CA ALA C 41 6.82 -7.35 15.69
C ALA C 41 6.07 -6.61 14.59
N LYS C 42 5.87 -5.31 14.74
CA LYS C 42 5.15 -4.58 13.71
C LYS C 42 6.08 -3.79 12.78
N ASP C 43 7.36 -4.10 12.84
CA ASP C 43 8.35 -3.42 11.99
C ASP C 43 7.90 -3.49 10.53
N LYS C 44 7.26 -4.60 10.15
CA LYS C 44 6.77 -4.79 8.80
C LYS C 44 5.26 -5.04 8.86
N SER C 45 4.52 -4.39 7.98
CA SER C 45 3.07 -4.56 7.95
C SER C 45 2.70 -5.45 6.78
N PHE C 46 1.53 -6.08 6.85
CA PHE C 46 1.06 -6.96 5.80
C PHE C 46 -0.38 -6.66 5.42
N THR C 47 -0.72 -6.95 4.17
CA THR C 47 -2.06 -6.70 3.64
C THR C 47 -3.19 -7.36 4.42
N ARG C 48 -3.01 -8.63 4.77
CA ARG C 48 -4.05 -9.39 5.47
C ARG C 48 -4.08 -9.29 6.99
N THR C 49 -3.57 -8.19 7.55
CA THR C 49 -3.57 -8.04 9.00
C THR C 49 -4.98 -8.10 9.59
N SER C 50 -5.98 -7.70 8.83
CA SER C 50 -7.35 -7.70 9.32
C SER C 50 -8.14 -8.97 9.00
N SER C 51 -7.54 -9.89 8.27
CA SER C 51 -8.25 -11.12 7.90
C SER C 51 -8.74 -11.90 9.12
N HIS C 52 -7.91 -11.96 10.16
CA HIS C 52 -8.26 -12.67 11.39
C HIS C 52 -8.57 -11.68 12.52
N ASP C 53 -9.46 -12.08 13.42
CA ASP C 53 -9.86 -11.23 14.55
C ASP C 53 -8.87 -11.33 15.71
N HIS C 54 -7.88 -10.46 15.74
CA HIS C 54 -6.86 -10.51 16.78
C HIS C 54 -6.64 -9.21 17.57
N LYS C 55 -7.05 -8.09 16.99
CA LYS C 55 -6.83 -6.79 17.59
C LYS C 55 -7.23 -6.58 19.06
N SER C 56 -8.21 -7.33 19.54
CA SER C 56 -8.63 -7.16 20.93
C SER C 56 -7.68 -7.83 21.93
N PHE C 57 -6.68 -8.56 21.43
CA PHE C 57 -5.76 -9.22 22.33
C PHE C 57 -4.28 -9.28 21.91
N SER C 58 -3.99 -9.02 20.64
CA SER C 58 -2.61 -9.05 20.20
C SER C 58 -1.84 -7.82 20.68
N ILE C 59 -0.53 -7.99 20.88
CA ILE C 59 0.32 -6.90 21.34
C ILE C 59 1.43 -6.65 20.34
N PRO C 60 1.37 -5.50 19.63
CA PRO C 60 2.40 -5.16 18.64
C PRO C 60 3.60 -4.49 19.31
N VAL C 61 4.78 -4.73 18.78
CA VAL C 61 5.99 -4.12 19.31
C VAL C 61 6.96 -3.88 18.17
N ILE C 62 7.58 -2.69 18.13
CA ILE C 62 8.54 -2.35 17.09
C ILE C 62 9.92 -2.75 17.59
N LEU C 63 10.45 -3.85 17.05
CA LEU C 63 11.77 -4.35 17.46
C LEU C 63 12.88 -3.32 17.25
N ALA C 64 12.77 -2.55 16.18
CA ALA C 64 13.78 -1.55 15.87
C ALA C 64 13.96 -0.48 16.96
N LYS C 65 12.87 -0.01 17.55
CA LYS C 65 13.00 1.03 18.58
C LYS C 65 12.38 0.73 19.94
N GLU C 66 11.86 -0.48 20.13
CA GLU C 66 11.26 -0.84 21.42
C GLU C 66 11.80 -2.15 21.95
N TYR C 67 13.13 -2.32 21.87
CA TYR C 67 13.76 -3.52 22.36
C TYR C 67 13.36 -3.80 23.81
N ASP C 68 13.35 -2.76 24.62
CA ASP C 68 13.00 -2.89 26.03
C ASP C 68 11.60 -3.45 26.25
N LYS C 69 10.64 -2.94 25.49
CA LYS C 69 9.26 -3.40 25.61
C LYS C 69 9.18 -4.87 25.19
N ALA C 70 9.88 -5.21 24.11
CA ALA C 70 9.89 -6.57 23.60
C ALA C 70 10.55 -7.51 24.61
N LEU C 71 11.67 -7.08 25.18
CA LEU C 71 12.39 -7.90 26.14
C LEU C 71 11.53 -8.25 27.36
N LYS C 72 10.83 -7.27 27.91
CA LYS C 72 9.98 -7.53 29.07
C LYS C 72 8.85 -8.49 28.73
N LEU C 73 8.34 -8.41 27.50
CA LEU C 73 7.26 -9.30 27.07
C LEU C 73 7.73 -10.75 26.98
N VAL C 74 8.75 -11.00 26.17
CA VAL C 74 9.26 -12.35 25.98
C VAL C 74 9.83 -12.99 27.25
N ASN C 75 10.26 -12.17 28.21
CA ASN C 75 10.80 -12.71 29.45
C ASN C 75 9.75 -12.89 30.52
N ASP C 76 8.53 -12.45 30.24
CA ASP C 76 7.44 -12.57 31.20
C ASP C 76 6.61 -13.81 30.89
N CYS C 77 7.27 -14.95 30.69
CA CYS C 77 6.54 -16.18 30.42
C CYS C 77 7.37 -17.37 30.90
N ASP C 78 6.76 -18.54 30.87
CA ASP C 78 7.42 -19.77 31.27
C ASP C 78 7.86 -20.48 29.99
N ILE C 79 7.04 -20.32 28.96
CA ILE C 79 7.29 -20.92 27.65
C ILE C 79 7.11 -19.85 26.58
N LEU C 80 8.15 -19.67 25.78
CA LEU C 80 8.15 -18.70 24.68
C LEU C 80 8.04 -19.48 23.37
N ILE C 81 6.97 -19.25 22.62
CA ILE C 81 6.77 -19.93 21.36
C ILE C 81 7.02 -18.96 20.20
N ILE C 82 8.06 -19.22 19.41
CA ILE C 82 8.37 -18.37 18.26
C ILE C 82 7.91 -19.04 16.97
N ASN C 83 6.86 -18.48 16.36
CA ASN C 83 6.29 -19.02 15.14
C ASN C 83 6.78 -18.40 13.84
N SER C 84 7.52 -17.29 13.95
CA SER C 84 8.07 -16.62 12.77
C SER C 84 9.20 -15.68 13.18
N VAL C 85 10.11 -15.41 12.25
CA VAL C 85 11.25 -14.55 12.50
C VAL C 85 11.28 -13.40 11.49
N PRO C 86 12.05 -12.34 11.76
CA PRO C 86 12.13 -11.17 10.86
C PRO C 86 12.43 -11.50 9.40
N ALA C 87 11.78 -10.76 8.51
CA ALA C 87 11.96 -10.92 7.07
C ALA C 87 13.28 -10.26 6.66
N THR C 88 13.82 -10.68 5.51
CA THR C 88 15.09 -10.13 5.04
C THR C 88 14.99 -8.68 4.60
N SER C 89 13.78 -8.12 4.63
CA SER C 89 13.57 -6.74 4.22
C SER C 89 13.62 -5.71 5.34
N VAL C 90 13.65 -6.18 6.59
CA VAL C 90 13.69 -5.26 7.73
C VAL C 90 15.04 -4.53 7.82
N GLN C 91 15.08 -3.45 8.58
CA GLN C 91 16.32 -2.69 8.74
C GLN C 91 17.22 -3.38 9.76
N GLU C 92 18.50 -3.03 9.75
CA GLU C 92 19.47 -3.63 10.66
C GLU C 92 19.04 -3.59 12.13
N ALA C 93 18.41 -2.49 12.54
CA ALA C 93 17.95 -2.33 13.92
C ALA C 93 16.98 -3.43 14.34
N THR C 94 16.12 -3.82 13.42
CA THR C 94 15.12 -4.84 13.69
C THR C 94 15.74 -6.21 13.91
N ILE C 95 16.58 -6.66 12.99
CA ILE C 95 17.20 -7.96 13.16
C ILE C 95 18.21 -7.89 14.30
N ASN C 96 18.85 -6.74 14.46
CA ASN C 96 19.83 -6.58 15.53
C ASN C 96 19.20 -6.77 16.90
N ASN C 97 18.07 -6.11 17.14
CA ASN C 97 17.41 -6.24 18.43
C ASN C 97 16.74 -7.60 18.60
N TYR C 98 16.31 -8.20 17.50
CA TYR C 98 15.69 -9.52 17.60
C TYR C 98 16.74 -10.49 18.10
N LYS C 99 17.92 -10.47 17.47
CA LYS C 99 19.02 -11.36 17.88
C LYS C 99 19.43 -11.05 19.32
N LYS C 100 19.34 -9.78 19.70
CA LYS C 100 19.71 -9.39 21.05
C LYS C 100 18.71 -10.02 22.03
N LEU C 101 17.44 -10.08 21.63
CA LEU C 101 16.40 -10.66 22.47
C LEU C 101 16.70 -12.13 22.75
N LEU C 102 17.06 -12.87 21.71
CA LEU C 102 17.37 -14.27 21.85
C LEU C 102 18.45 -14.52 22.89
N ASP C 103 19.46 -13.67 22.89
CA ASP C 103 20.57 -13.77 23.84
C ASP C 103 20.20 -13.37 25.27
N ASN C 104 19.20 -12.50 25.43
CA ASN C 104 18.82 -12.04 26.76
C ASN C 104 17.54 -12.61 27.38
N ILE C 105 17.05 -13.70 26.82
CA ILE C 105 15.87 -14.36 27.36
C ILE C 105 16.38 -15.23 28.51
N LYS C 106 15.67 -15.24 29.64
CA LYS C 106 16.10 -16.07 30.76
C LYS C 106 16.41 -17.48 30.25
N PRO C 107 17.58 -18.04 30.63
CA PRO C 107 17.97 -19.38 30.20
C PRO C 107 16.95 -20.44 30.60
N SER C 108 16.19 -20.14 31.64
CA SER C 108 15.18 -21.08 32.16
C SER C 108 13.89 -21.11 31.33
N ILE C 109 13.65 -20.08 30.54
CA ILE C 109 12.44 -20.06 29.71
C ILE C 109 12.59 -21.13 28.64
N ARG C 110 11.53 -21.93 28.48
CA ARG C 110 11.55 -22.98 27.46
C ARG C 110 11.14 -22.36 26.14
N VAL C 111 12.09 -22.31 25.20
CA VAL C 111 11.82 -21.71 23.90
C VAL C 111 11.44 -22.78 22.89
N VAL C 112 10.25 -22.61 22.31
CA VAL C 112 9.72 -23.55 21.32
C VAL C 112 9.63 -22.87 19.98
N VAL C 113 10.28 -23.46 18.98
CA VAL C 113 10.26 -22.90 17.63
C VAL C 113 9.47 -23.79 16.68
N TYR C 114 8.49 -23.20 16.02
CA TYR C 114 7.69 -23.88 15.02
C TYR C 114 8.09 -23.32 13.67
N GLN C 115 8.59 -24.17 12.77
CA GLN C 115 8.94 -23.70 11.44
C GLN C 115 7.75 -23.98 10.56
N HIS C 116 7.08 -22.93 10.10
CA HIS C 116 5.88 -23.08 9.29
C HIS C 116 6.06 -23.14 7.78
N ASP C 117 7.23 -22.74 7.28
CA ASP C 117 7.46 -22.73 5.85
C ASP C 117 7.96 -24.05 5.27
N HIS C 118 7.73 -24.24 3.98
CA HIS C 118 8.13 -25.45 3.28
C HIS C 118 9.38 -25.27 2.44
N SER C 119 9.20 -24.65 1.27
CA SER C 119 10.31 -24.44 0.35
C SER C 119 11.49 -23.65 0.89
N VAL C 120 12.67 -24.05 0.47
CA VAL C 120 13.89 -23.37 0.87
C VAL C 120 13.79 -21.92 0.38
N LEU C 121 13.04 -21.71 -0.71
CA LEU C 121 12.89 -20.37 -1.26
C LEU C 121 12.28 -19.44 -0.19
N SER C 122 11.38 -19.97 0.63
CA SER C 122 10.76 -19.16 1.68
C SER C 122 11.62 -19.17 2.93
N LEU C 123 12.26 -20.30 3.23
CA LEU C 123 13.11 -20.42 4.41
C LEU C 123 14.29 -19.47 4.36
N ARG C 124 14.78 -19.19 3.15
CA ARG C 124 15.93 -18.30 2.98
C ARG C 124 15.54 -16.84 3.17
N ARG C 125 14.26 -16.53 3.09
CA ARG C 125 13.78 -15.15 3.26
C ARG C 125 13.62 -14.78 4.72
N ASN C 126 14.37 -15.46 5.58
CA ASN C 126 14.33 -15.21 7.02
C ASN C 126 15.67 -14.65 7.47
N LEU C 127 15.64 -13.90 8.56
CA LEU C 127 16.86 -13.37 9.16
C LEU C 127 16.84 -13.86 10.60
N GLY C 128 17.97 -14.35 11.09
CA GLY C 128 18.03 -14.81 12.46
C GLY C 128 17.43 -16.18 12.76
N LEU C 129 17.04 -16.91 11.72
CA LEU C 129 16.46 -18.23 11.96
C LEU C 129 17.48 -19.16 12.62
N GLU C 130 18.75 -19.03 12.22
CA GLU C 130 19.79 -19.87 12.80
C GLU C 130 19.95 -19.64 14.30
N GLU C 131 20.04 -18.38 14.73
CA GLU C 131 20.17 -18.11 16.16
C GLU C 131 18.91 -18.50 16.91
N THR C 132 17.78 -18.42 16.23
CA THR C 132 16.49 -18.79 16.82
C THR C 132 16.54 -20.28 17.12
N VAL C 133 16.90 -21.07 16.10
CA VAL C 133 16.98 -22.51 16.25
C VAL C 133 17.99 -22.91 17.32
N ARG C 134 19.11 -22.21 17.38
CA ARG C 134 20.15 -22.52 18.38
C ARG C 134 19.66 -22.32 19.83
N ARG C 135 18.80 -21.33 20.03
CA ARG C 135 18.26 -21.06 21.37
C ARG C 135 17.07 -21.97 21.68
N ALA C 136 16.43 -22.49 20.64
CA ALA C 136 15.27 -23.35 20.83
C ALA C 136 15.55 -24.56 21.71
N ASP C 137 14.59 -24.87 22.58
CA ASP C 137 14.71 -26.03 23.43
C ASP C 137 13.88 -27.13 22.79
N VAL C 138 12.93 -26.71 21.95
CA VAL C 138 12.06 -27.63 21.24
C VAL C 138 11.79 -27.08 19.83
N ILE C 139 11.91 -27.93 18.83
CA ILE C 139 11.71 -27.51 17.44
C ILE C 139 10.71 -28.38 16.70
N PHE C 140 9.77 -27.73 16.00
CA PHE C 140 8.77 -28.45 15.22
C PHE C 140 8.86 -28.02 13.74
N SER C 141 8.57 -28.94 12.83
CA SER C 141 8.56 -28.63 11.40
C SER C 141 7.42 -29.46 10.80
N HIS C 142 6.99 -29.12 9.59
CA HIS C 142 5.89 -29.87 8.95
C HIS C 142 6.30 -31.22 8.37
N SER C 143 7.60 -31.45 8.17
CA SER C 143 8.02 -32.72 7.56
C SER C 143 9.46 -33.10 7.85
N ASP C 144 9.66 -34.37 8.19
CA ASP C 144 11.01 -34.87 8.49
C ASP C 144 11.87 -34.80 7.23
N ASN C 145 11.21 -34.81 6.07
CA ASN C 145 11.89 -34.80 4.78
C ASN C 145 11.89 -33.43 4.10
N GLY C 146 11.38 -32.42 4.79
CA GLY C 146 11.33 -31.09 4.21
C GLY C 146 12.67 -30.41 4.10
N ASP C 147 12.69 -29.25 3.46
CA ASP C 147 13.92 -28.48 3.29
C ASP C 147 14.51 -27.98 4.60
N PHE C 148 13.64 -27.63 5.56
CA PHE C 148 14.13 -27.16 6.85
C PHE C 148 14.98 -28.24 7.51
N ASN C 149 14.44 -29.46 7.57
CA ASN C 149 15.14 -30.59 8.16
C ASN C 149 16.34 -31.08 7.33
N LYS C 150 16.12 -31.31 6.03
CA LYS C 150 17.17 -31.84 5.15
C LYS C 150 18.19 -30.87 4.59
N VAL C 151 17.89 -29.58 4.57
CA VAL C 151 18.85 -28.61 4.05
C VAL C 151 19.41 -27.70 5.13
N LEU C 152 18.55 -26.84 5.67
CA LEU C 152 18.99 -25.90 6.71
C LEU C 152 19.57 -26.52 7.98
N MET C 153 18.87 -27.49 8.56
CA MET C 153 19.36 -28.11 9.79
C MET C 153 20.70 -28.84 9.59
N LYS C 154 20.89 -29.43 8.43
CA LYS C 154 22.14 -30.13 8.13
C LYS C 154 23.24 -29.10 7.90
N GLU C 155 22.81 -27.91 7.48
CA GLU C 155 23.74 -26.82 7.20
C GLU C 155 24.22 -26.19 8.51
N TRP C 156 23.34 -26.16 9.51
CA TRP C 156 23.68 -25.58 10.80
C TRP C 156 24.31 -26.58 11.75
N TYR C 157 24.03 -27.86 11.53
CA TYR C 157 24.57 -28.93 12.37
C TYR C 157 25.16 -30.01 11.48
N PRO C 158 26.35 -29.75 10.91
CA PRO C 158 27.03 -30.70 10.03
C PRO C 158 27.58 -31.92 10.77
N ALA C 170 23.24 -32.06 17.25
CA ALA C 170 22.09 -31.45 16.58
C ALA C 170 20.81 -31.74 17.35
N PRO C 171 19.99 -30.70 17.61
CA PRO C 171 18.74 -30.87 18.34
C PRO C 171 17.73 -31.71 17.56
N THR C 172 16.79 -32.32 18.26
CA THR C 172 15.77 -33.14 17.61
C THR C 172 14.66 -32.25 17.08
N VAL C 173 14.20 -32.53 15.87
CA VAL C 173 13.12 -31.75 15.28
C VAL C 173 11.90 -32.65 15.23
N TYR C 174 10.82 -32.19 15.87
CA TYR C 174 9.59 -32.97 15.92
C TYR C 174 8.59 -32.54 14.85
N ASN C 175 7.78 -33.49 14.40
CA ASN C 175 6.77 -33.16 13.42
C ASN C 175 5.56 -32.57 14.14
N PHE C 176 4.82 -31.72 13.44
CA PHE C 176 3.61 -31.12 13.99
C PHE C 176 2.61 -30.85 12.87
N GLN C 177 1.34 -30.73 13.25
CA GLN C 177 0.27 -30.40 12.32
C GLN C 177 -0.31 -29.10 12.89
N PRO C 178 -0.69 -28.14 12.03
CA PRO C 178 -1.28 -26.88 12.51
C PRO C 178 -2.76 -27.19 12.75
N PRO C 179 -3.17 -27.27 14.03
CA PRO C 179 -4.54 -27.58 14.43
C PRO C 179 -5.54 -26.46 14.49
N MET C 180 -6.81 -26.83 14.32
CA MET C 180 -7.89 -25.86 14.37
C MET C 180 -9.02 -26.43 15.23
N ASP C 181 -9.76 -25.57 15.93
CA ASP C 181 -10.89 -26.04 16.72
C ASP C 181 -11.99 -26.20 15.68
N ILE C 182 -12.02 -27.39 15.07
CA ILE C 182 -12.98 -27.73 14.03
C ILE C 182 -14.42 -27.73 14.55
N VAL C 183 -14.59 -28.14 15.81
CA VAL C 183 -15.91 -28.18 16.43
C VAL C 183 -16.52 -26.77 16.46
N LYS C 184 -15.74 -25.80 16.91
CA LYS C 184 -16.21 -24.42 17.01
C LYS C 184 -16.65 -23.85 15.67
N VAL C 185 -15.86 -24.07 14.62
CA VAL C 185 -16.19 -23.57 13.29
C VAL C 185 -17.54 -24.15 12.84
N ARG C 186 -17.72 -25.46 12.98
CA ARG C 186 -18.99 -26.08 12.59
C ARG C 186 -20.15 -25.50 13.37
N SER C 187 -20.00 -25.44 14.69
CA SER C 187 -21.05 -24.91 15.56
C SER C 187 -21.43 -23.49 15.18
N THR C 188 -20.50 -22.79 14.54
CA THR C 188 -20.75 -21.41 14.15
C THR C 188 -21.23 -21.22 12.71
N TYR C 189 -20.84 -22.12 11.80
CA TYR C 189 -21.24 -21.97 10.40
C TYR C 189 -21.96 -23.10 9.66
N TRP C 190 -21.99 -24.31 10.22
CA TRP C 190 -22.64 -25.42 9.51
C TRP C 190 -24.08 -25.07 9.16
N LYS C 191 -24.45 -25.36 7.91
CA LYS C 191 -25.79 -25.06 7.39
C LYS C 191 -26.56 -26.29 6.96
N ASP C 192 -27.89 -26.17 6.96
CA ASP C 192 -28.77 -27.25 6.54
C ASP C 192 -28.49 -27.40 5.04
N VAL C 193 -28.24 -28.61 4.56
CA VAL C 193 -27.95 -28.84 3.15
C VAL C 193 -28.89 -28.10 2.20
N SER C 194 -30.13 -27.90 2.64
CA SER C 194 -31.13 -27.22 1.82
C SER C 194 -30.77 -25.77 1.53
N GLU C 195 -29.80 -25.24 2.27
CA GLU C 195 -29.40 -23.85 2.09
C GLU C 195 -28.07 -23.71 1.33
N ILE C 196 -27.60 -24.83 0.78
CA ILE C 196 -26.34 -24.83 0.03
C ILE C 196 -26.59 -24.81 -1.47
N ASN C 197 -25.94 -23.87 -2.15
CA ASN C 197 -26.07 -23.72 -3.60
C ASN C 197 -25.08 -24.63 -4.32
N MET C 198 -25.56 -25.77 -4.81
CA MET C 198 -24.74 -26.75 -5.50
C MET C 198 -24.00 -26.21 -6.73
N ASN C 199 -24.44 -25.06 -7.25
CA ASN C 199 -23.80 -24.48 -8.43
C ASN C 199 -22.54 -23.69 -8.13
N ILE C 200 -22.37 -23.29 -6.87
CA ILE C 200 -21.21 -22.50 -6.50
C ILE C 200 -20.00 -23.34 -6.11
N ASN C 201 -18.90 -23.12 -6.82
CA ASN C 201 -17.65 -23.83 -6.58
C ASN C 201 -16.69 -22.74 -6.08
N ARG C 202 -16.29 -22.85 -4.81
CA ARG C 202 -15.44 -21.83 -4.20
C ARG C 202 -14.04 -22.32 -3.82
N TRP C 203 -13.05 -21.74 -4.49
CA TRP C 203 -11.65 -22.06 -4.26
C TRP C 203 -11.09 -21.03 -3.28
N ILE C 204 -10.28 -21.47 -2.33
CA ILE C 204 -9.65 -20.55 -1.40
C ILE C 204 -8.16 -20.87 -1.43
N GLY C 205 -7.35 -19.82 -1.39
CA GLY C 205 -5.92 -20.02 -1.41
C GLY C 205 -5.16 -18.72 -1.46
N ARG C 206 -4.02 -18.75 -2.14
CA ARG C 206 -3.16 -17.58 -2.29
C ARG C 206 -2.55 -17.62 -3.67
N THR C 207 -1.90 -16.52 -4.07
CA THR C 207 -1.31 -16.50 -5.40
C THR C 207 0.10 -17.07 -5.45
N THR C 208 0.22 -18.37 -5.17
CA THR C 208 1.48 -19.08 -5.30
C THR C 208 1.11 -20.38 -5.99
N THR C 209 1.88 -20.72 -7.01
CA THR C 209 1.62 -21.89 -7.84
C THR C 209 1.21 -23.20 -7.18
N TRP C 210 1.77 -23.52 -6.01
CA TRP C 210 1.40 -24.78 -5.37
C TRP C 210 0.02 -24.78 -4.72
N LYS C 211 -0.70 -23.66 -4.80
CA LYS C 211 -2.05 -23.58 -4.24
C LYS C 211 -3.05 -24.03 -5.33
N GLY C 212 -2.51 -24.34 -6.50
CA GLY C 212 -3.34 -24.81 -7.60
C GLY C 212 -4.36 -23.87 -8.25
N PHE C 213 -4.03 -22.58 -8.36
CA PHE C 213 -4.99 -21.69 -8.99
C PHE C 213 -5.11 -21.97 -10.50
N TYR C 214 -4.02 -22.38 -11.14
CA TYR C 214 -4.03 -22.69 -12.57
C TYR C 214 -5.00 -23.84 -12.88
N GLN C 215 -4.96 -24.85 -12.03
CA GLN C 215 -5.82 -26.02 -12.19
C GLN C 215 -7.28 -25.66 -11.99
N MET C 216 -7.56 -24.71 -11.10
CA MET C 216 -8.93 -24.28 -10.84
C MET C 216 -9.48 -23.53 -12.06
N PHE C 217 -8.66 -22.65 -12.65
CA PHE C 217 -9.09 -21.92 -13.84
C PHE C 217 -9.37 -22.91 -14.97
N ASP C 218 -8.49 -23.89 -15.11
CA ASP C 218 -8.59 -24.93 -16.14
C ASP C 218 -9.85 -25.79 -15.96
N PHE C 219 -10.09 -26.21 -14.71
CA PHE C 219 -11.26 -27.03 -14.39
C PHE C 219 -12.55 -26.26 -14.66
N HIS C 220 -12.55 -24.96 -14.37
CA HIS C 220 -13.75 -24.16 -14.59
C HIS C 220 -14.00 -24.00 -16.08
N GLU C 221 -12.94 -23.74 -16.84
CA GLU C 221 -13.05 -23.55 -18.28
C GLU C 221 -13.45 -24.82 -19.02
N LYS C 222 -12.91 -25.96 -18.60
CA LYS C 222 -13.20 -27.22 -19.26
C LYS C 222 -14.43 -27.98 -18.75
N PHE C 223 -14.78 -27.82 -17.48
CA PHE C 223 -15.94 -28.55 -16.96
C PHE C 223 -17.02 -27.73 -16.26
N LEU C 224 -16.65 -26.90 -15.30
CA LEU C 224 -17.63 -26.11 -14.57
C LEU C 224 -18.40 -25.09 -15.42
N LYS C 225 -17.67 -24.23 -16.13
CA LYS C 225 -18.32 -23.20 -16.95
C LYS C 225 -19.25 -23.83 -18.00
N PRO C 226 -18.75 -24.83 -18.75
CA PRO C 226 -19.59 -25.47 -19.77
C PRO C 226 -20.85 -26.10 -19.18
N ALA C 227 -20.73 -26.63 -17.97
CA ALA C 227 -21.86 -27.28 -17.30
C ALA C 227 -22.84 -26.31 -16.63
N GLY C 228 -22.62 -25.01 -16.84
CA GLY C 228 -23.50 -24.01 -16.25
C GLY C 228 -23.24 -23.64 -14.80
N LYS C 229 -22.11 -24.10 -14.26
CA LYS C 229 -21.75 -23.81 -12.86
C LYS C 229 -21.02 -22.49 -12.70
N SER C 230 -20.87 -22.04 -11.45
CA SER C 230 -20.19 -20.79 -11.13
C SER C 230 -18.94 -21.06 -10.29
N THR C 231 -17.87 -20.33 -10.57
CA THR C 231 -16.63 -20.50 -9.82
C THR C 231 -16.14 -19.20 -9.19
N VAL C 232 -15.81 -19.29 -7.91
CA VAL C 232 -15.30 -18.14 -7.18
C VAL C 232 -13.96 -18.57 -6.59
N MET C 233 -12.98 -17.67 -6.66
CA MET C 233 -11.65 -17.94 -6.14
C MET C 233 -11.27 -16.83 -5.16
N GLU C 234 -11.23 -17.17 -3.87
CA GLU C 234 -10.92 -16.18 -2.84
C GLU C 234 -9.48 -16.24 -2.36
N GLY C 235 -8.87 -15.06 -2.16
CA GLY C 235 -7.51 -15.01 -1.68
C GLY C 235 -6.42 -14.80 -2.72
N LEU C 236 -6.78 -14.76 -4.00
CA LEU C 236 -5.78 -14.54 -5.06
C LEU C 236 -5.37 -13.08 -5.06
N GLU C 237 -4.42 -12.73 -4.21
CA GLU C 237 -3.95 -11.36 -4.13
C GLU C 237 -3.15 -11.05 -5.40
N ARG C 238 -3.16 -9.78 -5.81
CA ARG C 238 -2.46 -9.40 -7.01
C ARG C 238 -1.00 -9.06 -6.76
N SER C 239 -0.31 -9.97 -6.07
CA SER C 239 1.11 -9.81 -5.76
C SER C 239 1.90 -10.07 -7.06
N PRO C 240 3.22 -9.89 -7.03
CA PRO C 240 3.99 -10.12 -8.26
C PRO C 240 3.70 -11.44 -8.99
N ALA C 241 3.46 -12.50 -8.22
CA ALA C 241 3.17 -13.80 -8.81
C ALA C 241 1.95 -13.72 -9.72
N PHE C 242 1.04 -12.79 -9.41
CA PHE C 242 -0.18 -12.60 -10.19
C PHE C 242 0.11 -12.12 -11.60
N ILE C 243 1.29 -11.55 -11.81
CA ILE C 243 1.66 -11.08 -13.13
C ILE C 243 1.53 -12.21 -14.16
N ALA C 244 1.94 -13.42 -13.76
CA ALA C 244 1.88 -14.57 -14.65
C ALA C 244 0.47 -14.88 -15.14
N ILE C 245 -0.51 -14.75 -14.25
CA ILE C 245 -1.90 -15.02 -14.62
C ILE C 245 -2.33 -14.05 -15.72
N LYS C 246 -1.83 -12.82 -15.66
CA LYS C 246 -2.17 -11.80 -16.64
C LYS C 246 -1.48 -12.07 -17.97
N GLU C 247 -0.24 -12.57 -17.90
CA GLU C 247 0.52 -12.88 -19.10
C GLU C 247 -0.03 -14.07 -19.88
N LYS C 248 -0.65 -15.01 -19.18
CA LYS C 248 -1.22 -16.20 -19.82
C LYS C 248 -2.53 -15.83 -20.48
N GLY C 249 -3.10 -14.70 -20.08
CA GLY C 249 -4.35 -14.26 -20.65
C GLY C 249 -5.57 -15.00 -20.11
N ILE C 250 -5.47 -15.50 -18.88
CA ILE C 250 -6.58 -16.23 -18.26
C ILE C 250 -7.73 -15.27 -17.99
N PRO C 251 -8.96 -15.66 -18.36
CA PRO C 251 -10.15 -14.83 -18.15
C PRO C 251 -10.54 -14.82 -16.67
N TYR C 252 -11.01 -13.67 -16.19
CA TYR C 252 -11.42 -13.55 -14.80
C TYR C 252 -12.03 -12.18 -14.55
N GLU C 253 -12.76 -12.08 -13.45
CA GLU C 253 -13.40 -10.84 -13.04
C GLU C 253 -12.86 -10.61 -11.63
N TYR C 254 -12.14 -9.51 -11.43
CA TYR C 254 -11.56 -9.22 -10.13
C TYR C 254 -12.38 -8.29 -9.26
N TYR C 255 -12.49 -8.63 -7.98
CA TYR C 255 -13.25 -7.81 -7.05
C TYR C 255 -12.47 -7.58 -5.77
N GLY C 256 -12.60 -6.37 -5.22
CA GLY C 256 -11.93 -6.05 -3.98
C GLY C 256 -12.84 -6.54 -2.88
N ASN C 257 -12.44 -6.38 -1.62
CA ASN C 257 -13.26 -6.85 -0.52
C ASN C 257 -14.49 -5.96 -0.28
N ARG C 258 -14.50 -4.76 -0.83
CA ARG C 258 -15.64 -3.85 -0.66
C ARG C 258 -16.57 -3.84 -1.87
N GLU C 259 -16.53 -4.92 -2.65
CA GLU C 259 -17.37 -5.03 -3.83
C GLU C 259 -17.74 -6.48 -4.09
N ILE C 260 -17.75 -7.27 -3.02
CA ILE C 260 -18.06 -8.69 -3.10
C ILE C 260 -19.49 -8.91 -3.61
N ASP C 261 -20.43 -8.16 -3.06
CA ASP C 261 -21.83 -8.28 -3.46
C ASP C 261 -22.07 -7.96 -4.93
N LYS C 262 -21.07 -7.35 -5.56
CA LYS C 262 -21.18 -7.00 -6.97
C LYS C 262 -20.59 -8.10 -7.84
N MET C 263 -20.43 -9.29 -7.26
CA MET C 263 -19.87 -10.43 -7.96
C MET C 263 -20.92 -11.12 -8.83
N ASN C 264 -20.54 -11.46 -10.04
CA ASN C 264 -21.44 -12.11 -10.99
C ASN C 264 -21.48 -13.62 -10.78
N LEU C 265 -22.43 -14.08 -9.98
CA LEU C 265 -22.55 -15.51 -9.68
C LEU C 265 -23.52 -16.25 -10.59
N ALA C 266 -23.67 -15.78 -11.83
CA ALA C 266 -24.57 -16.42 -12.78
C ALA C 266 -23.77 -17.38 -13.66
N PRO C 267 -24.45 -18.31 -14.35
CA PRO C 267 -23.75 -19.24 -15.21
C PRO C 267 -23.08 -18.57 -16.41
N ASN C 268 -22.18 -19.30 -17.07
CA ASN C 268 -21.49 -18.83 -18.26
C ASN C 268 -20.66 -17.56 -17.98
N GLN C 269 -20.11 -17.46 -16.77
CA GLN C 269 -19.30 -16.32 -16.40
C GLN C 269 -17.89 -16.78 -16.10
N PRO C 270 -16.91 -15.87 -16.17
CA PRO C 270 -15.52 -16.25 -15.90
C PRO C 270 -15.39 -16.49 -14.40
N ALA C 271 -14.26 -17.02 -13.97
CA ALA C 271 -14.04 -17.25 -12.54
C ALA C 271 -14.08 -15.87 -11.88
N GLN C 272 -14.79 -15.77 -10.76
CA GLN C 272 -14.89 -14.50 -10.02
C GLN C 272 -13.80 -14.52 -8.95
N ILE C 273 -12.87 -13.57 -9.00
CA ILE C 273 -11.77 -13.53 -8.05
C ILE C 273 -11.88 -12.47 -6.95
N LEU C 274 -11.55 -12.89 -5.72
CA LEU C 274 -11.57 -12.00 -4.58
C LEU C 274 -10.12 -11.85 -4.09
N ASP C 275 -9.70 -10.60 -3.91
CA ASP C 275 -8.35 -10.21 -3.49
C ASP C 275 -7.85 -10.84 -2.19
N TYR C 277 -9.65 -11.94 1.92
CA TYR C 277 -10.91 -12.01 2.65
C TYR C 277 -10.80 -12.01 4.16
N ILE C 278 -11.92 -11.68 4.80
CA ILE C 278 -12.02 -11.69 6.25
C ILE C 278 -12.42 -13.13 6.51
N ASN C 279 -11.61 -13.83 7.32
CA ASN C 279 -11.85 -15.24 7.59
C ASN C 279 -13.30 -15.60 7.91
N SER C 280 -13.90 -14.92 8.88
CA SER C 280 -15.28 -15.22 9.26
C SER C 280 -16.28 -15.03 8.10
N GLU C 281 -16.04 -14.03 7.26
CA GLU C 281 -16.93 -13.78 6.13
C GLU C 281 -16.81 -14.90 5.09
N MET C 282 -15.59 -15.39 4.88
CA MET C 282 -15.38 -16.47 3.92
C MET C 282 -16.04 -17.76 4.42
N LEU C 283 -15.94 -18.04 5.71
CA LEU C 283 -16.52 -19.26 6.26
C LEU C 283 -18.05 -19.28 6.07
N GLU C 284 -18.66 -18.11 6.15
CA GLU C 284 -20.10 -17.99 5.98
C GLU C 284 -20.47 -18.24 4.52
N ARG C 285 -19.70 -17.68 3.59
CA ARG C 285 -19.98 -17.87 2.17
C ARG C 285 -19.75 -19.34 1.79
N MET C 286 -18.71 -19.94 2.36
CA MET C 286 -18.37 -21.32 2.07
C MET C 286 -19.42 -22.30 2.58
N SER C 287 -19.99 -22.00 3.73
CA SER C 287 -20.99 -22.89 4.34
C SER C 287 -22.24 -23.01 3.48
N LYS C 288 -22.39 -22.09 2.53
CA LYS C 288 -23.54 -22.08 1.63
C LYS C 288 -23.13 -22.44 0.20
N SER C 289 -21.88 -22.88 0.05
CA SER C 289 -21.37 -23.24 -1.26
C SER C 289 -21.34 -24.75 -1.43
N GLY C 290 -21.78 -25.21 -2.61
CA GLY C 290 -21.81 -26.63 -2.87
C GLY C 290 -20.49 -27.36 -2.76
N PHE C 291 -19.44 -26.76 -3.30
CA PHE C 291 -18.14 -27.40 -3.24
C PHE C 291 -17.02 -26.38 -3.00
N GLY C 292 -16.14 -26.72 -2.06
CA GLY C 292 -15.02 -25.88 -1.73
C GLY C 292 -13.79 -26.57 -2.28
N TYR C 293 -12.86 -25.79 -2.82
CA TYR C 293 -11.66 -26.36 -3.39
C TYR C 293 -10.40 -25.85 -2.71
N GLN C 294 -9.51 -26.78 -2.38
CA GLN C 294 -8.24 -26.47 -1.75
C GLN C 294 -7.31 -27.35 -2.56
N LEU C 295 -6.68 -26.77 -3.57
CA LEU C 295 -5.82 -27.54 -4.44
C LEU C 295 -4.32 -27.49 -4.15
N SER C 296 -3.95 -27.29 -2.90
CA SER C 296 -2.53 -27.27 -2.55
C SER C 296 -1.90 -28.55 -3.06
N LYS C 297 -0.74 -28.43 -3.69
CA LYS C 297 -0.03 -29.57 -4.27
C LYS C 297 1.47 -29.50 -4.07
N LEU C 298 1.89 -29.47 -2.80
CA LEU C 298 3.30 -29.42 -2.46
C LEU C 298 4.03 -30.70 -2.85
N ASN C 299 5.34 -30.59 -3.08
CA ASN C 299 6.16 -31.75 -3.41
C ASN C 299 6.07 -32.68 -2.19
N GLN C 300 5.95 -33.98 -2.45
CA GLN C 300 5.84 -34.97 -1.38
C GLN C 300 6.81 -34.80 -0.22
N LYS C 301 8.02 -34.31 -0.48
CA LYS C 301 9.03 -34.13 0.56
C LYS C 301 8.56 -33.20 1.69
N TYR C 302 7.58 -32.35 1.39
CA TYR C 302 7.05 -31.39 2.36
C TYR C 302 5.85 -31.90 3.10
N LEU C 303 5.35 -33.08 2.70
CA LEU C 303 4.16 -33.64 3.31
C LEU C 303 4.39 -34.79 4.26
N GLN C 304 3.74 -34.73 5.42
CA GLN C 304 3.81 -35.80 6.41
C GLN C 304 2.40 -36.00 6.93
N ARG C 305 1.92 -35.10 7.79
CA ARG C 305 0.56 -35.21 8.30
C ARG C 305 -0.21 -33.91 8.20
N SER C 306 0.47 -32.83 7.84
CA SER C 306 -0.17 -31.53 7.80
C SER C 306 -1.07 -31.09 6.66
N LEU C 307 -2.35 -30.97 6.96
CA LEU C 307 -3.27 -30.39 5.99
C LEU C 307 -3.09 -28.91 6.39
N GLU C 308 -3.60 -27.99 5.58
CA GLU C 308 -3.50 -26.57 5.87
C GLU C 308 -4.82 -26.09 6.44
N TYR C 309 -4.81 -24.92 7.07
CA TYR C 309 -6.03 -24.38 7.64
C TYR C 309 -7.17 -24.28 6.63
N THR C 310 -6.86 -23.92 5.39
CA THR C 310 -7.91 -23.82 4.38
C THR C 310 -8.53 -25.19 4.10
N HIS C 311 -7.74 -26.25 4.26
CA HIS C 311 -8.26 -27.62 4.07
C HIS C 311 -9.31 -27.84 5.16
N LEU C 312 -8.91 -27.62 6.41
CA LEU C 312 -9.77 -27.82 7.55
C LEU C 312 -11.03 -26.97 7.57
N GLU C 313 -10.89 -25.73 7.11
CA GLU C 313 -12.01 -24.80 7.07
C GLU C 313 -13.15 -25.27 6.18
N LEU C 314 -12.82 -25.95 5.08
CA LEU C 314 -13.83 -26.46 4.16
C LEU C 314 -14.64 -27.55 4.84
N GLY C 315 -13.94 -28.52 5.41
CA GLY C 315 -14.61 -29.61 6.08
C GLY C 315 -15.42 -29.16 7.28
N ALA C 316 -14.89 -28.22 8.06
CA ALA C 316 -15.56 -27.72 9.26
C ALA C 316 -16.80 -26.86 9.03
N CYS C 317 -16.85 -26.11 7.93
CA CYS C 317 -18.00 -25.25 7.68
C CYS C 317 -19.15 -25.96 6.94
N GLY C 318 -18.94 -27.21 6.55
CA GLY C 318 -20.03 -27.94 5.91
C GLY C 318 -20.17 -28.06 4.41
N THR C 319 -19.13 -27.75 3.64
CA THR C 319 -19.23 -27.87 2.19
C THR C 319 -18.55 -29.18 1.85
N ILE C 320 -18.62 -29.58 0.59
CA ILE C 320 -17.94 -30.80 0.19
C ILE C 320 -16.53 -30.37 -0.19
N PRO C 321 -15.52 -30.94 0.50
CA PRO C 321 -14.12 -30.62 0.23
C PRO C 321 -13.58 -31.30 -1.02
N VAL C 322 -12.95 -30.52 -1.88
CA VAL C 322 -12.33 -31.04 -3.09
C VAL C 322 -10.85 -30.74 -2.91
N PHE C 323 -10.05 -31.78 -2.66
CA PHE C 323 -8.63 -31.63 -2.43
C PHE C 323 -7.79 -32.25 -3.55
N TRP C 324 -6.49 -31.93 -3.54
CA TRP C 324 -5.55 -32.43 -4.54
C TRP C 324 -5.16 -33.88 -4.22
N LYS C 325 -5.42 -34.76 -5.18
CA LYS C 325 -5.15 -36.19 -5.01
C LYS C 325 -3.79 -36.58 -4.45
N SER C 326 -2.70 -36.16 -5.10
CA SER C 326 -1.38 -36.53 -4.62
C SER C 326 -1.11 -36.03 -3.21
N THR C 327 -1.82 -34.98 -2.80
CA THR C 327 -1.65 -34.44 -1.44
C THR C 327 -2.26 -35.47 -0.48
N GLY C 328 -3.47 -35.94 -0.79
CA GLY C 328 -4.09 -36.94 0.05
C GLY C 328 -3.31 -38.25 0.06
N GLU C 329 -2.67 -38.57 -1.06
CA GLU C 329 -1.90 -39.80 -1.19
C GLU C 329 -0.60 -39.74 -0.42
N ASN C 330 -0.02 -38.55 -0.32
CA ASN C 330 1.25 -38.40 0.37
C ASN C 330 1.17 -37.97 1.83
N LEU C 331 -0.02 -37.65 2.30
CA LEU C 331 -0.23 -37.29 3.69
C LEU C 331 -0.70 -38.52 4.45
N LYS C 332 -0.34 -38.63 5.72
CA LYS C 332 -0.73 -39.76 6.54
C LYS C 332 -1.72 -39.37 7.66
N PHE C 333 -2.82 -40.11 7.74
CA PHE C 333 -3.86 -39.91 8.74
C PHE C 333 -3.24 -39.98 10.14
N ARG C 334 -3.59 -39.02 10.99
CA ARG C 334 -3.03 -38.95 12.34
C ARG C 334 -3.24 -40.19 13.20
N VAL C 335 -4.40 -40.81 13.10
CA VAL C 335 -4.69 -41.99 13.92
C VAL C 335 -3.86 -43.24 13.64
N ASP C 336 -3.71 -43.61 12.35
CA ASP C 336 -2.95 -44.82 12.03
C ASP C 336 -1.84 -44.70 10.98
N ASN C 337 -1.45 -43.47 10.62
CA ASN C 337 -0.38 -43.26 9.65
C ASN C 337 -0.65 -43.80 8.24
N THR C 338 -1.90 -44.02 7.89
CA THR C 338 -2.21 -44.51 6.56
C THR C 338 -2.52 -43.32 5.64
N PRO C 339 -2.36 -43.50 4.32
CA PRO C 339 -2.64 -42.41 3.36
C PRO C 339 -4.06 -41.88 3.54
N LEU C 340 -4.25 -40.58 3.39
CA LEU C 340 -5.58 -39.99 3.55
C LEU C 340 -6.55 -40.50 2.48
N THR C 341 -6.01 -40.81 1.31
CA THR C 341 -6.82 -41.31 0.21
C THR C 341 -7.33 -42.73 0.47
N SER C 342 -6.69 -43.45 1.40
CA SER C 342 -7.10 -44.82 1.69
C SER C 342 -8.36 -44.91 2.54
N HIS C 343 -8.88 -43.77 2.99
CA HIS C 343 -10.09 -43.75 3.80
C HIS C 343 -11.32 -43.30 3.03
N ASP C 344 -12.48 -43.73 3.52
CA ASP C 344 -13.76 -43.34 2.91
C ASP C 344 -14.12 -42.08 3.68
N SER C 345 -13.45 -41.00 3.33
CA SER C 345 -13.61 -39.71 4.01
C SER C 345 -14.68 -38.76 3.50
N GLY C 346 -15.24 -39.01 2.32
CA GLY C 346 -16.24 -38.11 1.79
C GLY C 346 -15.59 -37.00 0.98
N ILE C 347 -14.26 -36.93 1.04
CA ILE C 347 -13.50 -35.93 0.30
C ILE C 347 -13.36 -36.34 -1.17
N ILE C 348 -13.46 -35.37 -2.07
CA ILE C 348 -13.31 -35.64 -3.49
C ILE C 348 -11.85 -35.35 -3.86
N TRP C 349 -11.11 -36.36 -4.26
CA TRP C 349 -9.72 -36.14 -4.62
C TRP C 349 -9.56 -35.72 -6.08
N PHE C 350 -9.49 -34.41 -6.27
CA PHE C 350 -9.34 -33.79 -7.58
C PHE C 350 -8.16 -34.41 -8.33
N ASP C 351 -8.44 -34.99 -9.50
CA ASP C 351 -7.40 -35.61 -10.31
C ASP C 351 -7.10 -34.77 -11.54
N GLU C 352 -5.90 -34.20 -11.60
CA GLU C 352 -5.50 -33.37 -12.72
C GLU C 352 -5.54 -34.12 -14.05
N ASN C 353 -5.13 -35.38 -14.02
CA ASN C 353 -5.10 -36.22 -15.21
C ASN C 353 -6.44 -36.87 -15.57
N ASP C 354 -7.46 -36.58 -14.77
CA ASP C 354 -8.79 -37.13 -15.02
C ASP C 354 -9.85 -36.26 -14.33
N MET C 355 -9.98 -35.03 -14.81
CA MET C 355 -10.94 -34.11 -14.25
C MET C 355 -12.37 -34.54 -14.52
N GLU C 356 -12.57 -35.36 -15.54
CA GLU C 356 -13.91 -35.83 -15.87
C GLU C 356 -14.49 -36.63 -14.70
N SER C 357 -13.72 -37.58 -14.17
CA SER C 357 -14.18 -38.38 -13.05
C SER C 357 -14.47 -37.46 -11.86
N THR C 358 -13.64 -36.45 -11.70
CA THR C 358 -13.81 -35.49 -10.60
C THR C 358 -15.14 -34.76 -10.73
N PHE C 359 -15.43 -34.28 -11.93
CA PHE C 359 -16.68 -33.57 -12.17
C PHE C 359 -17.87 -34.50 -12.07
N GLU C 360 -17.66 -35.78 -12.39
CA GLU C 360 -18.73 -36.76 -12.31
C GLU C 360 -19.12 -36.97 -10.86
N ARG C 361 -18.11 -37.03 -9.98
CA ARG C 361 -18.36 -37.20 -8.56
C ARG C 361 -19.16 -36.01 -8.06
N ILE C 362 -18.76 -34.82 -8.51
CA ILE C 362 -19.42 -33.57 -8.12
C ILE C 362 -20.88 -33.56 -8.59
N LYS C 363 -21.12 -34.07 -9.78
CA LYS C 363 -22.47 -34.13 -10.33
C LYS C 363 -23.35 -35.04 -9.46
N GLU C 364 -22.82 -36.21 -9.11
CA GLU C 364 -23.56 -37.16 -8.28
C GLU C 364 -24.02 -36.49 -6.99
N LEU C 365 -23.07 -35.86 -6.30
CA LEU C 365 -23.37 -35.19 -5.04
C LEU C 365 -24.33 -34.03 -5.19
N SER C 366 -24.22 -33.30 -6.30
CA SER C 366 -25.09 -32.15 -6.53
C SER C 366 -26.55 -32.52 -6.77
N SER C 367 -26.80 -33.78 -7.15
CA SER C 367 -28.16 -34.23 -7.43
C SER C 367 -28.73 -35.17 -6.38
N ASP C 368 -28.03 -35.30 -5.25
CA ASP C 368 -28.50 -36.18 -4.19
C ASP C 368 -28.13 -35.62 -2.81
N ARG C 369 -28.94 -34.68 -2.33
CA ARG C 369 -28.75 -34.03 -1.04
C ARG C 369 -28.43 -35.02 0.09
N ALA C 370 -29.05 -36.19 0.04
CA ALA C 370 -28.83 -37.22 1.05
C ALA C 370 -27.38 -37.70 0.98
N LEU C 371 -26.94 -38.07 -0.22
CA LEU C 371 -25.58 -38.54 -0.40
C LEU C 371 -24.65 -37.38 -0.04
N TYR C 372 -25.02 -36.17 -0.47
CA TYR C 372 -24.24 -34.96 -0.19
C TYR C 372 -23.99 -34.86 1.30
N ASP C 373 -25.07 -34.86 2.08
CA ASP C 373 -25.01 -34.74 3.53
C ASP C 373 -24.21 -35.87 4.19
N ARG C 374 -24.41 -37.10 3.76
CA ARG C 374 -23.68 -38.23 4.34
C ARG C 374 -22.17 -38.06 4.15
N GLU C 375 -21.80 -37.67 2.94
CA GLU C 375 -20.40 -37.49 2.59
C GLU C 375 -19.69 -36.37 3.36
N ARG C 376 -20.36 -35.24 3.55
CA ARG C 376 -19.70 -34.16 4.29
C ARG C 376 -19.60 -34.52 5.77
N GLU C 377 -20.57 -35.25 6.30
CA GLU C 377 -20.51 -35.65 7.70
C GLU C 377 -19.27 -36.52 7.87
N LYS C 378 -18.97 -37.31 6.83
CA LYS C 378 -17.79 -38.17 6.86
C LYS C 378 -16.53 -37.30 6.82
N ALA C 379 -16.54 -36.30 5.95
CA ALA C 379 -15.40 -35.39 5.81
C ALA C 379 -15.12 -34.64 7.11
N TYR C 380 -16.19 -34.15 7.74
CA TYR C 380 -16.06 -33.42 9.01
C TYR C 380 -15.44 -34.29 10.09
N GLU C 381 -15.94 -35.52 10.23
CA GLU C 381 -15.42 -36.41 11.26
C GLU C 381 -14.01 -36.88 10.94
N PHE C 382 -13.71 -37.07 9.66
CA PHE C 382 -12.38 -37.49 9.24
C PHE C 382 -11.38 -36.38 9.60
N LEU C 383 -11.70 -35.16 9.19
CA LEU C 383 -10.85 -34.01 9.44
C LEU C 383 -10.71 -33.70 10.94
N TYR C 384 -11.81 -33.85 11.67
CA TYR C 384 -11.81 -33.65 13.12
C TYR C 384 -10.78 -34.60 13.73
N GLN C 385 -10.94 -35.90 13.44
CA GLN C 385 -10.02 -36.91 13.95
C GLN C 385 -8.58 -36.65 13.51
N HIS C 386 -8.42 -36.17 12.28
CA HIS C 386 -7.09 -35.93 11.77
C HIS C 386 -6.34 -34.74 12.33
N GLN C 387 -7.01 -33.60 12.46
CA GLN C 387 -6.30 -32.40 12.87
C GLN C 387 -6.98 -31.42 13.81
N ASP C 388 -7.90 -31.88 14.64
CA ASP C 388 -8.56 -30.97 15.57
C ASP C 388 -7.58 -30.57 16.68
N SER C 389 -7.70 -29.34 17.16
CA SER C 389 -6.84 -28.87 18.23
C SER C 389 -6.88 -29.74 19.49
N SER C 390 -8.02 -30.35 19.80
CA SER C 390 -8.11 -31.16 21.01
C SER C 390 -7.15 -32.35 21.00
N PHE C 391 -6.77 -32.79 19.79
CA PHE C 391 -5.85 -33.92 19.69
C PHE C 391 -4.41 -33.44 19.45
N CYS C 392 -4.23 -32.65 18.39
CA CYS C 392 -2.91 -32.17 18.01
C CYS C 392 -2.16 -31.29 19.00
N PHE C 393 -2.84 -30.30 19.60
CA PHE C 393 -2.14 -29.45 20.57
C PHE C 393 -1.78 -30.23 21.82
N LYS C 394 -2.52 -31.31 22.08
CA LYS C 394 -2.21 -32.14 23.24
C LYS C 394 -0.90 -32.89 22.92
N GLU C 395 -0.78 -33.37 21.69
CA GLU C 395 0.42 -34.07 21.25
C GLU C 395 1.64 -33.15 21.37
N GLN C 396 1.46 -31.92 20.89
CA GLN C 396 2.51 -30.91 20.93
C GLN C 396 2.86 -30.54 22.37
N PHE C 397 1.84 -30.40 23.22
CA PHE C 397 2.06 -30.04 24.62
C PHE C 397 2.93 -31.11 25.30
N ASP C 398 2.61 -32.37 25.05
CA ASP C 398 3.37 -33.47 25.63
C ASP C 398 4.82 -33.41 25.20
N ILE C 399 5.04 -33.11 23.92
CA ILE C 399 6.40 -33.02 23.39
C ILE C 399 7.11 -31.81 24.00
N ILE C 400 6.39 -30.70 24.13
CA ILE C 400 6.98 -29.50 24.69
C ILE C 400 7.40 -29.68 26.16
N THR C 401 6.55 -30.33 26.93
CA THR C 401 6.81 -30.54 28.34
C THR C 401 7.50 -31.88 28.63
N LYS C 402 7.87 -32.58 27.57
CA LYS C 402 8.55 -33.87 27.68
C LYS C 402 9.69 -33.81 28.70
N GLY D 1 -10.88 40.31 -30.54
CA GLY D 1 -9.73 39.43 -30.19
C GLY D 1 -9.79 38.97 -28.74
N SER D 2 -10.03 39.91 -27.84
CA SER D 2 -10.14 39.61 -26.42
C SER D 2 -11.25 38.59 -26.21
N MET D 3 -11.09 37.72 -25.21
CA MET D 3 -12.10 36.70 -24.93
C MET D 3 -12.44 36.56 -23.45
N ARG D 4 -13.56 35.90 -23.18
CA ARG D 4 -14.01 35.67 -21.82
C ARG D 4 -13.61 34.23 -21.47
N ILE D 5 -12.82 34.10 -20.42
CA ILE D 5 -12.32 32.80 -19.99
C ILE D 5 -12.90 32.42 -18.63
N CYS D 6 -13.46 31.22 -18.52
CA CYS D 6 -13.96 30.74 -17.24
C CYS D 6 -13.07 29.58 -16.82
N ILE D 7 -12.37 29.74 -15.70
CA ILE D 7 -11.48 28.70 -15.21
C ILE D 7 -12.28 27.97 -14.13
N PHE D 8 -12.55 26.69 -14.39
CA PHE D 8 -13.40 25.87 -13.53
C PHE D 8 -12.69 24.75 -12.79
N MET D 9 -12.69 24.81 -11.46
CA MET D 9 -12.10 23.76 -10.63
C MET D 9 -13.27 23.02 -10.02
N ALA D 10 -13.74 21.99 -10.72
CA ALA D 10 -14.89 21.20 -10.28
C ALA D 10 -14.65 20.27 -9.10
N ARG D 11 -13.38 20.06 -8.75
CA ARG D 11 -13.06 19.19 -7.61
C ARG D 11 -13.18 20.02 -6.34
N GLY D 12 -12.93 21.32 -6.50
CA GLY D 12 -12.99 22.25 -5.39
C GLY D 12 -11.66 22.97 -5.36
N LEU D 13 -11.50 23.92 -4.45
CA LEU D 13 -10.24 24.66 -4.38
C LEU D 13 -9.40 24.01 -3.27
N GLU D 14 -8.49 23.13 -3.67
CA GLU D 14 -7.64 22.41 -2.72
C GLU D 14 -6.51 23.24 -2.10
N GLY D 15 -6.03 24.24 -2.83
CA GLY D 15 -4.97 25.07 -2.29
C GLY D 15 -3.56 24.62 -2.63
N GLY D 17 -1.20 22.62 -6.13
CA GLY D 17 -0.81 22.87 -7.52
C GLY D 17 -1.92 23.26 -8.50
N VAL D 18 -3.07 22.60 -8.42
CA VAL D 18 -4.15 22.92 -9.33
C VAL D 18 -4.63 24.34 -9.05
N THR D 19 -4.78 24.66 -7.78
CA THR D 19 -5.21 26.00 -7.39
C THR D 19 -4.20 27.04 -7.85
N LYS D 20 -2.92 26.75 -7.63
CA LYS D 20 -1.86 27.68 -8.04
C LYS D 20 -1.86 27.88 -9.55
N PHE D 21 -1.95 26.79 -10.30
CA PHE D 21 -1.98 26.86 -11.76
C PHE D 21 -3.14 27.74 -12.22
N SER D 22 -4.31 27.50 -11.63
CA SER D 22 -5.52 28.25 -11.97
C SER D 22 -5.35 29.75 -11.74
N LEU D 23 -4.67 30.12 -10.65
CA LEU D 23 -4.46 31.54 -10.34
C LEU D 23 -3.41 32.15 -11.27
N GLU D 24 -2.38 31.38 -11.61
CA GLU D 24 -1.34 31.85 -12.53
C GLU D 24 -1.93 31.96 -13.94
N GLN D 25 -2.83 31.04 -14.26
CA GLN D 25 -3.48 31.04 -15.57
C GLN D 25 -4.36 32.28 -15.68
N ARG D 26 -5.09 32.57 -14.60
CA ARG D 26 -5.96 33.74 -14.57
C ARG D 26 -5.12 35.00 -14.77
N ASP D 27 -3.97 35.04 -14.09
CA ASP D 27 -3.08 36.21 -14.20
C ASP D 27 -2.58 36.42 -15.60
N TRP D 28 -2.15 35.35 -16.25
CA TRP D 28 -1.62 35.43 -17.61
C TRP D 28 -2.68 35.91 -18.60
N PHE D 29 -3.89 35.34 -18.52
CA PHE D 29 -4.96 35.75 -19.43
C PHE D 29 -5.31 37.21 -19.22
N ILE D 30 -5.48 37.61 -17.96
CA ILE D 30 -5.79 39.00 -17.66
C ILE D 30 -4.64 39.87 -18.16
N LYS D 31 -3.41 39.46 -17.88
CA LYS D 31 -2.24 40.21 -18.32
C LYS D 31 -2.24 40.42 -19.83
N ASN D 32 -2.75 39.44 -20.57
CA ASN D 32 -2.78 39.55 -22.01
C ASN D 32 -4.12 40.00 -22.60
N GLY D 33 -4.85 40.81 -21.84
CA GLY D 33 -6.10 41.37 -22.30
C GLY D 33 -7.38 40.55 -22.37
N HIS D 34 -7.52 39.54 -21.52
CA HIS D 34 -8.73 38.72 -21.53
C HIS D 34 -9.49 38.85 -20.22
N GLU D 35 -10.79 38.61 -20.27
CA GLU D 35 -11.62 38.67 -19.07
C GLU D 35 -11.66 37.28 -18.46
N VAL D 36 -11.50 37.20 -17.15
CA VAL D 36 -11.49 35.91 -16.48
C VAL D 36 -12.44 35.78 -15.30
N THR D 37 -13.09 34.64 -15.21
CA THR D 37 -13.97 34.32 -14.09
C THR D 37 -13.39 33.01 -13.55
N LEU D 38 -13.17 32.94 -12.25
CA LEU D 38 -12.61 31.75 -11.62
C LEU D 38 -13.69 31.10 -10.76
N VAL D 39 -14.13 29.92 -11.17
CA VAL D 39 -15.19 29.20 -10.47
C VAL D 39 -14.74 27.88 -9.89
N TYR D 40 -15.19 27.58 -8.67
CA TYR D 40 -14.86 26.30 -8.05
C TYR D 40 -16.04 25.74 -7.28
N ALA D 41 -16.16 24.41 -7.30
CA ALA D 41 -17.24 23.73 -6.59
C ALA D 41 -16.87 23.65 -5.11
N LYS D 42 -17.72 24.20 -4.24
CA LYS D 42 -17.44 24.16 -2.82
C LYS D 42 -18.11 22.97 -2.15
N ASP D 43 -18.55 22.01 -2.96
CA ASP D 43 -19.19 20.81 -2.44
C ASP D 43 -18.24 20.11 -1.47
N LYS D 44 -16.97 20.06 -1.85
CA LYS D 44 -15.95 19.43 -1.03
C LYS D 44 -15.00 20.49 -0.49
N SER D 45 -14.81 20.49 0.82
CA SER D 45 -13.93 21.45 1.48
C SER D 45 -12.51 20.92 1.56
N PHE D 46 -11.56 21.83 1.76
CA PHE D 46 -10.15 21.45 1.86
C PHE D 46 -9.42 22.27 2.92
N THR D 47 -8.32 21.71 3.42
CA THR D 47 -7.53 22.36 4.46
C THR D 47 -6.73 23.58 4.01
N ARG D 48 -6.17 23.55 2.81
CA ARG D 48 -5.36 24.65 2.32
C ARG D 48 -6.07 25.66 1.41
N THR D 49 -7.38 25.80 1.57
CA THR D 49 -8.12 26.73 0.73
C THR D 49 -7.57 28.15 0.82
N SER D 50 -7.07 28.54 2.01
CA SER D 50 -6.56 29.89 2.18
C SER D 50 -5.05 30.04 1.93
N SER D 51 -4.40 28.99 1.46
CA SER D 51 -2.97 29.04 1.18
C SER D 51 -2.65 30.10 0.13
N HIS D 52 -3.49 30.18 -0.90
CA HIS D 52 -3.30 31.17 -1.97
C HIS D 52 -4.36 32.26 -1.86
N ASP D 53 -4.01 33.47 -2.30
CA ASP D 53 -4.93 34.61 -2.23
C ASP D 53 -5.90 34.63 -3.41
N HIS D 54 -7.13 34.16 -3.18
CA HIS D 54 -8.15 34.09 -4.23
C HIS D 54 -9.52 34.59 -3.81
N LYS D 55 -9.73 34.76 -2.50
CA LYS D 55 -11.03 35.17 -1.99
C LYS D 55 -11.63 36.45 -2.56
N SER D 56 -10.80 37.37 -3.03
CA SER D 56 -11.31 38.62 -3.58
C SER D 56 -11.93 38.49 -4.97
N PHE D 57 -11.77 37.33 -5.60
CA PHE D 57 -12.32 37.13 -6.95
C PHE D 57 -12.89 35.75 -7.27
N SER D 58 -12.49 34.73 -6.52
CA SER D 58 -12.97 33.38 -6.76
C SER D 58 -14.48 33.28 -6.57
N ILE D 59 -15.12 32.44 -7.36
CA ILE D 59 -16.57 32.26 -7.29
C ILE D 59 -16.95 30.83 -6.93
N PRO D 60 -17.40 30.62 -5.68
CA PRO D 60 -17.80 29.29 -5.23
C PRO D 60 -19.21 28.94 -5.66
N VAL D 61 -19.41 27.67 -6.00
CA VAL D 61 -20.72 27.18 -6.41
C VAL D 61 -20.91 25.75 -5.90
N ILE D 62 -22.07 25.47 -5.34
CA ILE D 62 -22.36 24.14 -4.83
C ILE D 62 -23.07 23.34 -5.92
N LEU D 63 -22.29 22.60 -6.70
CA LEU D 63 -22.82 21.80 -7.81
C LEU D 63 -24.09 21.04 -7.47
N ALA D 64 -24.18 20.57 -6.23
CA ALA D 64 -25.35 19.80 -5.80
C ALA D 64 -26.66 20.60 -5.76
N LYS D 65 -26.59 21.89 -5.49
CA LYS D 65 -27.82 22.69 -5.41
C LYS D 65 -27.79 24.07 -6.07
N GLU D 66 -26.86 24.27 -6.99
CA GLU D 66 -26.76 25.55 -7.68
C GLU D 66 -26.45 25.31 -9.15
N TYR D 67 -27.01 24.23 -9.68
CA TYR D 67 -26.80 23.88 -11.08
C TYR D 67 -27.11 25.05 -11.99
N ASP D 68 -28.25 25.69 -11.77
CA ASP D 68 -28.64 26.83 -12.59
C ASP D 68 -27.57 27.90 -12.53
N LYS D 69 -27.13 28.21 -11.32
CA LYS D 69 -26.11 29.22 -11.11
C LYS D 69 -24.82 28.82 -11.82
N ALA D 70 -24.45 27.55 -11.68
CA ALA D 70 -23.25 27.02 -12.29
C ALA D 70 -23.37 27.06 -13.81
N LEU D 71 -24.52 26.63 -14.33
CA LEU D 71 -24.75 26.61 -15.76
C LEU D 71 -24.56 27.99 -16.39
N LYS D 72 -25.12 29.02 -15.76
CA LYS D 72 -24.98 30.36 -16.29
C LYS D 72 -23.54 30.87 -16.25
N LEU D 73 -22.78 30.42 -15.25
CA LEU D 73 -21.38 30.81 -15.11
C LEU D 73 -20.52 30.20 -16.21
N VAL D 74 -20.53 28.88 -16.30
CA VAL D 74 -19.72 28.20 -17.29
C VAL D 74 -20.20 28.41 -18.71
N ASN D 75 -21.42 28.89 -18.86
CA ASN D 75 -21.98 29.15 -20.19
C ASN D 75 -21.73 30.60 -20.58
N ASP D 76 -21.28 31.38 -19.62
CA ASP D 76 -21.01 32.80 -19.84
C ASP D 76 -19.55 33.06 -20.18
N CYS D 77 -19.01 32.31 -21.14
CA CYS D 77 -17.63 32.49 -21.54
C CYS D 77 -17.43 32.01 -22.97
N ASP D 78 -16.27 32.36 -23.53
CA ASP D 78 -15.90 31.96 -24.87
C ASP D 78 -15.07 30.68 -24.75
N ILE D 79 -14.22 30.64 -23.73
CA ILE D 79 -13.37 29.49 -23.45
C ILE D 79 -13.57 29.01 -22.01
N LEU D 80 -13.89 27.72 -21.87
CA LEU D 80 -14.09 27.11 -20.57
C LEU D 80 -12.89 26.20 -20.30
N ILE D 81 -12.14 26.50 -19.25
CA ILE D 81 -10.98 25.70 -18.89
C ILE D 81 -11.31 24.92 -17.63
N ILE D 82 -11.35 23.60 -17.78
CA ILE D 82 -11.66 22.71 -16.66
C ILE D 82 -10.33 22.13 -16.13
N ASN D 83 -9.94 22.55 -14.93
CA ASN D 83 -8.69 22.10 -14.34
C ASN D 83 -8.79 20.96 -13.35
N SER D 84 -10.01 20.59 -12.99
CA SER D 84 -10.22 19.48 -12.06
C SER D 84 -11.68 19.05 -12.12
N VAL D 85 -11.93 17.79 -11.80
CA VAL D 85 -13.28 17.24 -11.82
C VAL D 85 -13.68 16.74 -10.42
N PRO D 86 -14.98 16.50 -10.19
CA PRO D 86 -15.48 16.03 -8.90
C PRO D 86 -14.79 14.79 -8.34
N ALA D 87 -14.54 14.81 -7.03
CA ALA D 87 -13.90 13.70 -6.35
C ALA D 87 -14.92 12.59 -6.18
N THR D 88 -14.45 11.35 -6.06
CA THR D 88 -15.33 10.21 -5.89
C THR D 88 -16.04 10.21 -4.54
N SER D 89 -15.61 11.10 -3.65
CA SER D 89 -16.21 11.21 -2.33
C SER D 89 -17.39 12.18 -2.28
N VAL D 90 -17.85 12.64 -3.43
CA VAL D 90 -18.97 13.56 -3.48
C VAL D 90 -20.30 12.82 -3.59
N GLN D 91 -21.38 13.48 -3.17
CA GLN D 91 -22.70 12.87 -3.23
C GLN D 91 -23.20 12.92 -4.67
N GLU D 92 -24.07 11.97 -5.03
CA GLU D 92 -24.60 11.87 -6.38
C GLU D 92 -25.06 13.18 -7.02
N ALA D 93 -25.70 14.05 -6.23
CA ALA D 93 -26.18 15.33 -6.75
C ALA D 93 -25.05 16.17 -7.34
N THR D 94 -23.86 16.08 -6.74
CA THR D 94 -22.70 16.83 -7.20
C THR D 94 -22.21 16.40 -8.57
N ILE D 95 -21.92 15.12 -8.73
CA ILE D 95 -21.42 14.61 -10.01
C ILE D 95 -22.48 14.61 -11.10
N ASN D 96 -23.73 14.32 -10.72
CA ASN D 96 -24.82 14.30 -11.67
C ASN D 96 -24.98 15.66 -12.34
N ASN D 97 -25.02 16.72 -11.52
CA ASN D 97 -25.16 18.08 -12.05
C ASN D 97 -23.93 18.50 -12.85
N TYR D 98 -22.76 17.98 -12.50
CA TYR D 98 -21.53 18.32 -13.22
C TYR D 98 -21.61 17.79 -14.65
N LYS D 99 -22.04 16.54 -14.81
CA LYS D 99 -22.17 15.94 -16.14
C LYS D 99 -23.24 16.68 -16.93
N LYS D 100 -24.34 16.99 -16.26
CA LYS D 100 -25.46 17.70 -16.86
C LYS D 100 -24.94 19.04 -17.37
N LEU D 101 -24.01 19.61 -16.61
CA LEU D 101 -23.39 20.89 -16.94
C LEU D 101 -22.64 20.80 -18.27
N LEU D 102 -21.85 19.74 -18.42
CA LEU D 102 -21.07 19.55 -19.65
C LEU D 102 -21.97 19.39 -20.87
N ASP D 103 -23.13 18.77 -20.66
CA ASP D 103 -24.08 18.52 -21.73
C ASP D 103 -24.93 19.72 -22.11
N ASN D 104 -24.97 20.75 -21.27
CA ASN D 104 -25.81 21.89 -21.59
C ASN D 104 -25.15 23.22 -21.95
N ILE D 105 -23.82 23.27 -21.91
CA ILE D 105 -23.15 24.51 -22.29
C ILE D 105 -23.23 24.61 -23.80
N LYS D 106 -23.10 25.81 -24.34
CA LYS D 106 -23.17 26.01 -25.77
C LYS D 106 -22.09 25.21 -26.52
N PRO D 107 -22.46 24.57 -27.64
CA PRO D 107 -21.51 23.78 -28.43
C PRO D 107 -20.35 24.64 -28.94
N SER D 108 -20.61 25.94 -29.06
CA SER D 108 -19.61 26.88 -29.56
C SER D 108 -18.51 27.24 -28.57
N ILE D 109 -18.74 27.00 -27.29
CA ILE D 109 -17.73 27.31 -26.28
C ILE D 109 -16.57 26.35 -26.44
N ARG D 110 -15.35 26.87 -26.42
CA ARG D 110 -14.19 26.00 -26.54
C ARG D 110 -13.86 25.45 -25.17
N VAL D 111 -13.92 24.13 -25.02
CA VAL D 111 -13.64 23.52 -23.73
C VAL D 111 -12.23 22.96 -23.73
N VAL D 112 -11.43 23.46 -22.80
CA VAL D 112 -10.04 23.02 -22.64
C VAL D 112 -9.92 22.30 -21.31
N VAL D 113 -9.43 21.06 -21.36
CA VAL D 113 -9.28 20.25 -20.16
C VAL D 113 -7.80 20.02 -19.84
N TYR D 114 -7.40 20.38 -18.63
CA TYR D 114 -6.02 20.20 -18.19
C TYR D 114 -5.98 19.06 -17.19
N GLN D 115 -5.20 18.02 -17.49
CA GLN D 115 -5.09 16.90 -16.56
C GLN D 115 -3.81 17.09 -15.78
N HIS D 116 -3.94 17.50 -14.52
CA HIS D 116 -2.78 17.76 -13.67
C HIS D 116 -2.25 16.55 -12.90
N ASP D 117 -3.06 15.50 -12.81
CA ASP D 117 -2.65 14.28 -12.10
C ASP D 117 -1.48 13.54 -12.75
N HIS D 118 -0.70 12.85 -11.93
CA HIS D 118 0.44 12.08 -12.43
C HIS D 118 0.10 10.59 -12.43
N SER D 119 0.13 9.99 -11.25
CA SER D 119 -0.16 8.57 -11.09
C SER D 119 -1.63 8.24 -11.32
N VAL D 120 -1.89 7.02 -11.77
CA VAL D 120 -3.25 6.58 -12.02
C VAL D 120 -4.06 6.53 -10.72
N LEU D 121 -3.36 6.43 -9.60
CA LEU D 121 -4.00 6.38 -8.30
C LEU D 121 -4.72 7.69 -8.01
N SER D 122 -4.18 8.79 -8.51
CA SER D 122 -4.80 10.08 -8.30
C SER D 122 -5.97 10.22 -9.27
N LEU D 123 -5.85 9.56 -10.42
CA LEU D 123 -6.89 9.60 -11.45
C LEU D 123 -8.15 8.83 -11.06
N ARG D 124 -7.97 7.68 -10.42
CA ARG D 124 -9.09 6.85 -10.01
C ARG D 124 -9.96 7.50 -8.95
N ARG D 125 -9.57 8.69 -8.50
CA ARG D 125 -10.33 9.41 -7.49
C ARG D 125 -11.07 10.56 -8.16
N ASN D 126 -11.20 10.48 -9.48
CA ASN D 126 -11.88 11.47 -10.28
C ASN D 126 -13.16 10.91 -10.88
N LEU D 127 -14.25 11.66 -10.80
CA LEU D 127 -15.52 11.23 -11.36
C LEU D 127 -15.84 12.09 -12.57
N GLY D 128 -16.70 11.58 -13.46
CA GLY D 128 -17.08 12.32 -14.64
C GLY D 128 -15.96 12.63 -15.61
N LEU D 129 -14.81 12.00 -15.41
CA LEU D 129 -13.67 12.24 -16.29
C LEU D 129 -14.00 11.74 -17.70
N GLU D 130 -14.95 10.81 -17.77
CA GLU D 130 -15.38 10.23 -19.04
C GLU D 130 -16.06 11.29 -19.91
N GLU D 131 -17.11 11.91 -19.37
CA GLU D 131 -17.85 12.93 -20.11
C GLU D 131 -17.05 14.22 -20.29
N THR D 132 -16.03 14.42 -19.47
CA THR D 132 -15.20 15.61 -19.57
C THR D 132 -14.36 15.52 -20.84
N VAL D 133 -13.81 14.34 -21.08
CA VAL D 133 -13.00 14.09 -22.27
C VAL D 133 -13.88 14.19 -23.51
N ARG D 134 -15.11 13.69 -23.40
CA ARG D 134 -16.04 13.73 -24.52
C ARG D 134 -16.37 15.14 -24.98
N ARG D 135 -16.61 16.03 -24.03
CA ARG D 135 -16.96 17.42 -24.36
C ARG D 135 -15.73 18.27 -24.69
N ALA D 136 -14.58 17.87 -24.17
CA ALA D 136 -13.34 18.59 -24.37
C ALA D 136 -12.97 18.81 -25.84
N ASP D 137 -12.54 20.03 -26.14
CA ASP D 137 -12.12 20.40 -27.49
C ASP D 137 -10.60 20.36 -27.54
N VAL D 138 -9.97 20.56 -26.38
CA VAL D 138 -8.52 20.54 -26.26
C VAL D 138 -8.16 19.86 -24.95
N ILE D 139 -7.13 19.02 -24.97
CA ILE D 139 -6.71 18.32 -23.76
C ILE D 139 -5.20 18.41 -23.56
N PHE D 140 -4.79 18.74 -22.33
CA PHE D 140 -3.38 18.85 -21.96
C PHE D 140 -3.06 17.88 -20.83
N SER D 141 -1.81 17.43 -20.79
CA SER D 141 -1.34 16.51 -19.75
C SER D 141 0.13 16.80 -19.45
N HIS D 142 0.58 16.43 -18.26
CA HIS D 142 1.97 16.65 -17.87
C HIS D 142 2.92 15.75 -18.65
N SER D 143 2.43 14.58 -19.05
CA SER D 143 3.23 13.61 -19.79
C SER D 143 2.36 12.46 -20.31
N VAL D 173 -4.40 15.02 -27.39
CA VAL D 173 -3.75 15.31 -26.11
C VAL D 173 -2.41 16.00 -26.32
N TYR D 174 -2.22 17.14 -25.66
CA TYR D 174 -0.99 17.91 -25.76
C TYR D 174 -0.27 17.95 -24.41
N ASN D 175 1.06 18.07 -24.45
CA ASN D 175 1.84 18.15 -23.23
C ASN D 175 1.86 19.61 -22.80
N PHE D 176 2.03 19.83 -21.50
CA PHE D 176 2.07 21.19 -20.98
C PHE D 176 2.87 21.24 -19.68
N GLN D 177 3.36 22.44 -19.37
CA GLN D 177 4.09 22.67 -18.14
C GLN D 177 3.28 23.69 -17.34
N PRO D 178 3.11 23.46 -16.03
CA PRO D 178 2.34 24.39 -15.20
C PRO D 178 3.27 25.59 -14.96
N PRO D 179 3.05 26.70 -15.67
CA PRO D 179 3.91 27.85 -15.50
C PRO D 179 3.57 28.80 -14.37
N MET D 180 4.55 29.61 -14.01
CA MET D 180 4.39 30.59 -12.94
C MET D 180 5.03 31.87 -13.43
N ASP D 181 4.63 33.00 -12.87
CA ASP D 181 5.23 34.25 -13.27
C ASP D 181 6.44 34.39 -12.36
N ILE D 182 7.55 33.80 -12.80
CA ILE D 182 8.80 33.80 -12.04
C ILE D 182 9.36 35.20 -11.83
N VAL D 183 9.29 36.04 -12.87
CA VAL D 183 9.82 37.39 -12.77
C VAL D 183 9.08 38.22 -11.71
N LYS D 184 7.77 38.00 -11.62
CA LYS D 184 6.94 38.73 -10.66
C LYS D 184 7.29 38.36 -9.24
N VAL D 185 7.65 37.10 -9.01
CA VAL D 185 8.01 36.67 -7.66
C VAL D 185 9.35 37.27 -7.27
N ARG D 186 10.33 37.18 -8.16
CA ARG D 186 11.64 37.75 -7.86
C ARG D 186 11.47 39.23 -7.51
N SER D 187 10.77 39.94 -8.38
CA SER D 187 10.52 41.36 -8.18
C SER D 187 9.92 41.66 -6.81
N THR D 188 9.15 40.72 -6.28
CA THR D 188 8.50 40.92 -5.00
C THR D 188 9.28 40.44 -3.76
N TYR D 189 10.06 39.38 -3.91
CA TYR D 189 10.78 38.84 -2.75
C TYR D 189 12.31 38.74 -2.79
N TRP D 190 12.91 38.80 -3.97
CA TRP D 190 14.37 38.65 -4.08
C TRP D 190 15.15 39.60 -3.18
N LYS D 191 15.91 39.03 -2.24
CA LYS D 191 16.70 39.80 -1.27
C LYS D 191 18.19 39.86 -1.61
N ASP D 192 18.89 40.83 -1.05
CA ASP D 192 20.33 40.93 -1.26
C ASP D 192 20.92 39.78 -0.44
N VAL D 193 21.96 39.15 -0.97
CA VAL D 193 22.59 38.03 -0.29
C VAL D 193 22.91 38.32 1.18
N SER D 194 23.16 39.59 1.49
CA SER D 194 23.49 39.98 2.87
C SER D 194 22.34 39.74 3.84
N GLU D 195 21.12 39.61 3.30
CA GLU D 195 19.93 39.39 4.13
C GLU D 195 19.56 37.91 4.31
N ILE D 196 20.32 37.03 3.68
CA ILE D 196 20.05 35.59 3.74
C ILE D 196 20.83 34.83 4.82
N ASN D 197 20.12 34.04 5.61
CA ASN D 197 20.72 33.24 6.67
C ASN D 197 21.16 31.88 6.12
N MET D 198 22.46 31.77 5.83
CA MET D 198 23.02 30.54 5.27
C MET D 198 22.82 29.29 6.12
N ASN D 199 22.52 29.46 7.41
CA ASN D 199 22.34 28.30 8.27
C ASN D 199 20.95 27.69 8.22
N ILE D 200 20.02 28.35 7.54
CA ILE D 200 18.66 27.85 7.46
C ILE D 200 18.42 27.05 6.18
N ASN D 201 17.92 25.84 6.36
CA ASN D 201 17.62 24.96 5.25
C ASN D 201 16.11 24.74 5.29
N ARG D 202 15.41 25.25 4.28
CA ARG D 202 13.95 25.17 4.26
C ARG D 202 13.40 24.27 3.15
N TRP D 203 12.76 23.18 3.58
CA TRP D 203 12.15 22.21 2.68
C TRP D 203 10.66 22.56 2.61
N ILE D 204 10.08 22.49 1.40
CA ILE D 204 8.66 22.76 1.23
C ILE D 204 8.06 21.60 0.46
N GLY D 205 6.83 21.22 0.82
CA GLY D 205 6.18 20.12 0.16
C GLY D 205 4.90 19.69 0.87
N ARG D 206 4.60 18.40 0.79
CA ARG D 206 3.41 17.80 1.40
C ARG D 206 3.76 16.46 2.02
N THR D 207 2.82 15.89 2.78
CA THR D 207 3.06 14.60 3.42
C THR D 207 2.79 13.39 2.52
N THR D 208 3.58 13.27 1.46
CA THR D 208 3.48 12.14 0.55
C THR D 208 4.94 11.80 0.24
N THR D 209 5.28 10.53 0.42
CA THR D 209 6.66 10.07 0.24
C THR D 209 7.43 10.56 -0.99
N TRP D 210 6.77 10.72 -2.13
CA TRP D 210 7.53 11.18 -3.30
C TRP D 210 7.95 12.64 -3.24
N LYS D 211 7.54 13.35 -2.18
CA LYS D 211 7.92 14.75 -1.98
C LYS D 211 9.29 14.76 -1.29
N GLY D 212 9.75 13.57 -0.90
CA GLY D 212 11.05 13.42 -0.28
C GLY D 212 11.27 13.90 1.15
N PHE D 213 10.24 13.85 1.98
CA PHE D 213 10.43 14.31 3.35
C PHE D 213 11.32 13.37 4.17
N TYR D 214 11.29 12.08 3.87
CA TYR D 214 12.14 11.14 4.61
C TYR D 214 13.60 11.46 4.34
N GLN D 215 13.91 11.79 3.09
CA GLN D 215 15.29 12.13 2.72
C GLN D 215 15.71 13.43 3.41
N MET D 216 14.77 14.35 3.59
CA MET D 216 15.11 15.61 4.25
C MET D 216 15.41 15.32 5.72
N PHE D 217 14.58 14.49 6.36
CA PHE D 217 14.82 14.15 7.77
C PHE D 217 16.20 13.53 7.90
N ASP D 218 16.50 12.60 7.01
CA ASP D 218 17.78 11.91 7.00
C ASP D 218 18.94 12.89 6.85
N PHE D 219 18.84 13.75 5.83
CA PHE D 219 19.88 14.73 5.54
C PHE D 219 20.14 15.67 6.73
N HIS D 220 19.09 16.01 7.45
CA HIS D 220 19.26 16.89 8.60
C HIS D 220 20.00 16.15 9.70
N GLU D 221 19.61 14.90 9.95
CA GLU D 221 20.23 14.11 11.01
C GLU D 221 21.71 13.82 10.79
N LYS D 222 22.06 13.43 9.57
CA LYS D 222 23.44 13.07 9.25
C LYS D 222 24.37 14.19 8.78
N PHE D 223 23.83 15.29 8.29
CA PHE D 223 24.70 16.36 7.83
C PHE D 223 24.43 17.76 8.37
N LEU D 224 23.21 18.23 8.23
CA LEU D 224 22.87 19.57 8.67
C LEU D 224 22.91 19.82 10.19
N LYS D 225 22.28 18.96 10.97
CA LYS D 225 22.26 19.15 12.41
C LYS D 225 23.67 19.09 13.02
N PRO D 226 24.48 18.08 12.66
CA PRO D 226 25.83 17.96 13.20
C PRO D 226 26.70 19.16 12.86
N ALA D 227 26.40 19.80 11.73
CA ALA D 227 27.17 20.96 11.29
C ALA D 227 26.68 22.23 11.95
N GLY D 228 25.71 22.10 12.85
CA GLY D 228 25.17 23.25 13.55
C GLY D 228 24.13 24.04 12.77
N LYS D 229 23.62 23.45 11.69
CA LYS D 229 22.62 24.12 10.85
C LYS D 229 21.19 23.82 11.31
N SER D 230 20.24 24.58 10.80
CA SER D 230 18.83 24.39 11.18
C SER D 230 18.00 23.98 9.98
N THR D 231 16.96 23.19 10.24
CA THR D 231 16.07 22.73 9.18
C THR D 231 14.61 22.97 9.52
N VAL D 232 13.88 23.50 8.54
CA VAL D 232 12.45 23.77 8.66
C VAL D 232 11.78 23.05 7.50
N MET D 233 10.68 22.37 7.76
CA MET D 233 9.97 21.66 6.70
C MET D 233 8.52 22.17 6.72
N GLU D 234 8.16 22.91 5.69
CA GLU D 234 6.81 23.48 5.61
C GLU D 234 5.86 22.70 4.72
N GLY D 235 4.62 22.53 5.18
CA GLY D 235 3.62 21.83 4.41
C GLY D 235 3.30 20.40 4.80
N LEU D 236 4.03 19.86 5.78
CA LEU D 236 3.77 18.48 6.21
C LEU D 236 2.50 18.40 7.03
N GLU D 237 1.37 18.29 6.34
CA GLU D 237 0.07 18.20 7.00
C GLU D 237 -0.01 16.90 7.78
N ARG D 238 -0.78 16.91 8.87
CA ARG D 238 -0.92 15.70 9.66
C ARG D 238 -1.68 14.66 8.83
N SER D 239 -1.28 13.39 9.00
CA SER D 239 -1.91 12.30 8.28
C SER D 239 -1.38 11.00 8.89
N PRO D 240 -1.98 9.86 8.52
CA PRO D 240 -1.56 8.56 9.04
C PRO D 240 -0.09 8.27 8.78
N ALA D 241 0.51 9.01 7.86
CA ALA D 241 1.91 8.83 7.53
C ALA D 241 2.79 9.14 8.73
N PHE D 242 2.31 10.01 9.62
CA PHE D 242 3.08 10.37 10.80
C PHE D 242 3.19 9.18 11.77
N ILE D 243 2.31 8.20 11.61
CA ILE D 243 2.39 7.02 12.45
C ILE D 243 3.72 6.38 12.09
N ALA D 244 3.99 6.28 10.79
CA ALA D 244 5.24 5.68 10.32
C ALA D 244 6.46 6.53 10.71
N ILE D 245 6.31 7.85 10.67
CA ILE D 245 7.42 8.71 11.02
C ILE D 245 7.81 8.46 12.48
N LYS D 246 6.80 8.31 13.33
CA LYS D 246 7.00 8.04 14.75
C LYS D 246 7.63 6.67 14.95
N GLU D 247 7.06 5.65 14.32
CA GLU D 247 7.57 4.29 14.46
C GLU D 247 9.04 4.23 14.08
N LYS D 248 9.45 5.06 13.12
CA LYS D 248 10.84 5.07 12.69
C LYS D 248 11.71 5.84 13.67
N GLY D 249 11.08 6.42 14.69
CA GLY D 249 11.81 7.17 15.69
C GLY D 249 12.44 8.46 15.20
N ILE D 250 11.84 9.07 14.17
CA ILE D 250 12.35 10.32 13.63
C ILE D 250 11.94 11.49 14.52
N PRO D 251 12.93 12.24 15.03
CA PRO D 251 12.65 13.40 15.89
C PRO D 251 12.11 14.58 15.09
N TYR D 252 11.20 15.33 15.68
CA TYR D 252 10.63 16.51 15.03
C TYR D 252 9.79 17.32 16.00
N GLU D 253 9.64 18.61 15.69
CA GLU D 253 8.81 19.48 16.51
C GLU D 253 7.76 20.01 15.55
N TYR D 254 6.49 19.75 15.87
CA TYR D 254 5.38 20.13 15.02
C TYR D 254 4.77 21.48 15.40
N TYR D 255 4.46 22.31 14.41
CA TYR D 255 3.86 23.62 14.65
C TYR D 255 2.73 23.95 13.69
N GLY D 256 1.67 24.52 14.23
CA GLY D 256 0.54 24.92 13.40
C GLY D 256 0.85 26.32 12.90
N ASN D 257 0.21 26.70 11.81
CA ASN D 257 0.45 28.03 11.23
C ASN D 257 0.12 29.13 12.22
N ARG D 258 -0.32 28.75 13.42
CA ARG D 258 -0.69 29.70 14.45
C ARG D 258 0.49 30.13 15.33
N GLU D 259 1.33 29.17 15.76
CA GLU D 259 2.47 29.50 16.60
C GLU D 259 3.80 29.37 15.87
N ILE D 260 3.84 29.82 14.62
CA ILE D 260 5.07 29.74 13.85
C ILE D 260 6.16 30.53 14.58
N ASP D 261 5.74 31.40 15.50
CA ASP D 261 6.65 32.21 16.29
C ASP D 261 7.42 31.40 17.32
N LYS D 262 6.88 30.24 17.69
CA LYS D 262 7.50 29.38 18.67
C LYS D 262 8.47 28.37 18.06
N MET D 263 8.75 28.55 16.77
CA MET D 263 9.66 27.66 16.07
C MET D 263 11.11 27.93 16.49
N ASN D 264 11.79 26.88 16.96
CA ASN D 264 13.18 27.00 17.41
C ASN D 264 14.16 26.81 16.26
N LEU D 265 14.74 27.92 15.80
CA LEU D 265 15.67 27.88 14.68
C LEU D 265 17.16 27.83 15.06
N ALA D 266 17.45 27.62 16.33
CA ALA D 266 18.83 27.56 16.79
C ALA D 266 19.44 26.21 16.43
N PRO D 267 20.78 26.08 16.56
CA PRO D 267 21.39 24.80 16.23
C PRO D 267 21.03 23.70 17.23
N ASN D 268 21.38 22.46 16.90
CA ASN D 268 21.12 21.31 17.75
C ASN D 268 19.64 21.07 18.03
N GLN D 269 18.79 21.35 17.05
CA GLN D 269 17.33 21.13 17.20
C GLN D 269 16.85 20.12 16.16
N PRO D 270 15.72 19.44 16.43
CA PRO D 270 15.22 18.48 15.44
C PRO D 270 14.63 19.31 14.31
N ALA D 271 14.19 18.67 13.24
CA ALA D 271 13.59 19.40 12.13
C ALA D 271 12.34 20.09 12.68
N GLN D 272 12.12 21.34 12.30
CA GLN D 272 10.96 22.11 12.75
C GLN D 272 9.91 22.07 11.64
N ILE D 273 8.77 21.45 11.94
CA ILE D 273 7.71 21.29 10.95
C ILE D 273 6.52 22.24 11.05
N LEU D 274 6.11 22.79 9.90
CA LEU D 274 4.95 23.68 9.83
C LEU D 274 3.91 22.87 9.06
N ASP D 275 2.74 22.68 9.64
CA ASP D 275 1.70 21.88 8.99
C ASP D 275 1.17 22.37 7.65
N TYR D 277 1.10 26.23 5.07
CA TYR D 277 1.60 27.58 4.92
C TYR D 277 0.88 28.45 3.90
N ILE D 278 0.94 29.76 4.13
CA ILE D 278 0.37 30.74 3.23
C ILE D 278 1.47 30.98 2.22
N ASN D 279 1.17 30.78 0.94
CA ASN D 279 2.17 30.94 -0.11
C ASN D 279 3.03 32.20 0.00
N SER D 280 2.39 33.36 0.11
CA SER D 280 3.11 34.62 0.20
C SER D 280 4.05 34.67 1.40
N GLU D 281 3.62 34.09 2.52
CA GLU D 281 4.42 34.07 3.73
C GLU D 281 5.64 33.16 3.60
N MET D 282 5.45 32.01 2.96
CA MET D 282 6.55 31.07 2.77
C MET D 282 7.61 31.68 1.86
N LEU D 283 7.17 32.35 0.78
CA LEU D 283 8.08 32.97 -0.16
C LEU D 283 8.97 34.00 0.53
N GLU D 284 8.40 34.71 1.51
CA GLU D 284 9.15 35.71 2.26
C GLU D 284 10.18 35.00 3.15
N ARG D 285 9.75 33.93 3.81
CA ARG D 285 10.66 33.17 4.66
C ARG D 285 11.78 32.56 3.82
N MET D 286 11.42 31.99 2.69
CA MET D 286 12.37 31.35 1.79
C MET D 286 13.38 32.33 1.19
N SER D 287 12.93 33.56 0.89
CA SER D 287 13.81 34.58 0.32
C SER D 287 14.97 34.94 1.24
N LYS D 288 14.85 34.57 2.51
CA LYS D 288 15.89 34.86 3.50
C LYS D 288 16.53 33.58 4.04
N SER D 289 16.32 32.48 3.34
CA SER D 289 16.87 31.19 3.75
C SER D 289 18.03 30.80 2.84
N GLY D 290 19.11 30.32 3.43
CA GLY D 290 20.25 29.94 2.63
C GLY D 290 19.93 28.93 1.56
N PHE D 291 19.24 27.86 1.93
CA PHE D 291 18.93 26.82 0.96
C PHE D 291 17.50 26.32 1.02
N GLY D 292 16.89 26.21 -0.15
CA GLY D 292 15.52 25.74 -0.25
C GLY D 292 15.58 24.35 -0.82
N TYR D 293 14.78 23.43 -0.27
CA TYR D 293 14.79 22.06 -0.74
C TYR D 293 13.44 21.64 -1.30
N GLN D 294 13.50 21.03 -2.48
CA GLN D 294 12.31 20.52 -3.15
C GLN D 294 12.83 19.18 -3.64
N LEU D 295 12.55 18.14 -2.88
CA LEU D 295 13.05 16.81 -3.18
C LEU D 295 12.07 15.87 -3.83
N SER D 296 11.15 16.40 -4.62
CA SER D 296 10.18 15.57 -5.30
C SER D 296 10.94 14.64 -6.23
N LYS D 297 10.56 13.36 -6.20
CA LYS D 297 11.17 12.35 -7.04
C LYS D 297 10.10 11.81 -7.97
N LEU D 298 10.06 12.38 -9.17
CA LEU D 298 9.08 11.96 -10.15
C LEU D 298 9.63 10.90 -11.10
N ASN D 299 9.00 9.74 -11.12
CA ASN D 299 9.43 8.67 -12.01
C ASN D 299 9.49 9.24 -13.41
N GLN D 300 10.51 8.86 -14.18
CA GLN D 300 10.68 9.36 -15.53
C GLN D 300 9.42 9.27 -16.40
N LYS D 301 8.48 8.43 -15.99
CA LYS D 301 7.23 8.26 -16.74
C LYS D 301 6.33 9.49 -16.64
N TYR D 302 6.36 10.15 -15.49
CA TYR D 302 5.55 11.35 -15.26
C TYR D 302 6.34 12.61 -15.61
N LEU D 303 7.63 12.45 -15.82
CA LEU D 303 8.50 13.57 -16.14
C LEU D 303 8.80 13.77 -17.63
N GLN D 304 8.53 14.96 -18.12
CA GLN D 304 8.81 15.31 -19.52
C GLN D 304 9.51 16.66 -19.48
N ARG D 305 8.75 17.70 -19.13
CA ARG D 305 9.31 19.04 -19.03
C ARG D 305 8.82 19.72 -17.75
N SER D 306 7.74 19.19 -17.17
CA SER D 306 7.13 19.79 -15.99
C SER D 306 7.78 19.73 -14.61
N LEU D 307 8.21 20.89 -14.13
CA LEU D 307 8.74 20.99 -12.78
C LEU D 307 7.48 21.40 -12.02
N GLU D 308 7.53 21.40 -10.69
CA GLU D 308 6.37 21.79 -9.90
C GLU D 308 6.51 23.24 -9.44
N TYR D 309 5.41 23.83 -8.97
CA TYR D 309 5.46 25.21 -8.51
C TYR D 309 6.44 25.42 -7.36
N THR D 310 6.57 24.44 -6.47
CA THR D 310 7.52 24.61 -5.37
C THR D 310 8.93 24.69 -5.93
N HIS D 311 9.18 24.03 -7.07
CA HIS D 311 10.50 24.07 -7.71
C HIS D 311 10.76 25.51 -8.15
N LEU D 312 9.83 26.03 -8.95
CA LEU D 312 9.95 27.38 -9.47
C LEU D 312 10.02 28.44 -8.39
N GLU D 313 9.26 28.25 -7.33
CA GLU D 313 9.22 29.21 -6.23
C GLU D 313 10.58 29.39 -5.55
N LEU D 314 11.37 28.32 -5.45
CA LEU D 314 12.69 28.42 -4.84
C LEU D 314 13.58 29.33 -5.69
N GLY D 315 13.68 29.01 -6.97
CA GLY D 315 14.51 29.79 -7.86
C GLY D 315 14.07 31.23 -8.03
N ALA D 316 12.77 31.47 -7.90
CA ALA D 316 12.22 32.82 -8.08
C ALA D 316 12.38 33.78 -6.89
N CYS D 317 12.43 33.24 -5.69
CA CYS D 317 12.56 34.11 -4.51
C CYS D 317 14.00 34.36 -4.07
N GLY D 318 14.96 33.81 -4.81
CA GLY D 318 16.36 34.06 -4.47
C GLY D 318 17.12 33.16 -3.53
N THR D 319 16.70 31.92 -3.35
CA THR D 319 17.45 31.01 -2.49
C THR D 319 18.16 30.03 -3.41
N ILE D 320 19.06 29.23 -2.87
CA ILE D 320 19.75 28.24 -3.69
C ILE D 320 18.85 27.01 -3.76
N PRO D 321 18.39 26.65 -4.97
CA PRO D 321 17.52 25.47 -5.06
C PRO D 321 18.30 24.17 -4.97
N VAL D 322 17.80 23.26 -4.14
CA VAL D 322 18.37 21.94 -3.97
C VAL D 322 17.26 21.01 -4.44
N PHE D 323 17.46 20.39 -5.60
CA PHE D 323 16.47 19.48 -6.18
C PHE D 323 16.92 18.03 -6.17
N TRP D 324 15.98 17.13 -6.46
CA TRP D 324 16.27 15.70 -6.51
C TRP D 324 16.97 15.37 -7.84
N LYS D 325 18.15 14.77 -7.75
CA LYS D 325 18.95 14.44 -8.93
C LYS D 325 18.28 13.68 -10.06
N SER D 326 17.61 12.57 -9.76
CA SER D 326 16.96 11.80 -10.81
C SER D 326 15.81 12.58 -11.45
N THR D 327 15.24 13.52 -10.72
CA THR D 327 14.16 14.33 -11.27
C THR D 327 14.73 15.21 -12.37
N GLY D 328 15.86 15.84 -12.08
CA GLY D 328 16.50 16.70 -13.06
C GLY D 328 17.06 15.91 -14.24
N GLU D 329 17.45 14.66 -13.99
CA GLU D 329 17.99 13.81 -15.04
C GLU D 329 16.91 13.29 -15.98
N ASN D 330 15.70 13.14 -15.46
CA ASN D 330 14.58 12.62 -16.23
C ASN D 330 13.81 13.70 -17.00
N LEU D 331 13.87 14.94 -16.54
CA LEU D 331 13.16 16.03 -17.20
C LEU D 331 13.98 16.70 -18.30
N LYS D 332 13.29 17.20 -19.32
CA LYS D 332 13.94 17.87 -20.43
C LYS D 332 13.71 19.39 -20.39
N PHE D 333 14.79 20.14 -20.57
CA PHE D 333 14.76 21.60 -20.57
C PHE D 333 13.87 22.07 -21.73
N ARG D 334 13.00 23.03 -21.45
CA ARG D 334 12.07 23.53 -22.46
C ARG D 334 12.75 24.11 -23.71
N VAL D 335 13.86 24.82 -23.51
CA VAL D 335 14.58 25.45 -24.63
C VAL D 335 15.17 24.49 -25.67
N ASP D 336 15.83 23.44 -25.23
CA ASP D 336 16.43 22.49 -26.18
C ASP D 336 16.19 21.01 -25.90
N ASN D 337 15.19 20.71 -25.09
CA ASN D 337 14.85 19.33 -24.76
C ASN D 337 15.98 18.46 -24.20
N THR D 338 16.93 19.08 -23.53
CA THR D 338 18.04 18.31 -22.94
C THR D 338 17.78 18.19 -21.43
N PRO D 339 18.32 17.13 -20.81
CA PRO D 339 18.13 16.91 -19.36
C PRO D 339 18.52 18.17 -18.58
N LEU D 340 17.72 18.51 -17.56
CA LEU D 340 18.00 19.69 -16.76
C LEU D 340 19.37 19.60 -16.09
N THR D 341 19.74 18.40 -15.67
CA THR D 341 21.01 18.16 -15.01
C THR D 341 22.23 18.34 -15.92
N SER D 342 22.02 18.45 -17.22
CA SER D 342 23.13 18.61 -18.15
C SER D 342 23.47 20.08 -18.36
N HIS D 343 22.93 20.94 -17.50
CA HIS D 343 23.18 22.37 -17.59
C HIS D 343 23.84 22.92 -16.35
N ASP D 344 24.63 23.97 -16.54
CA ASP D 344 25.29 24.63 -15.43
C ASP D 344 24.20 25.61 -15.01
N SER D 345 23.22 25.10 -14.27
CA SER D 345 22.07 25.88 -13.82
C SER D 345 22.16 26.54 -12.45
N GLY D 346 23.16 26.18 -11.66
CA GLY D 346 23.29 26.76 -10.35
C GLY D 346 22.45 25.97 -9.36
N ILE D 347 21.77 24.96 -9.87
CA ILE D 347 20.93 24.09 -9.03
C ILE D 347 21.77 22.98 -8.42
N ILE D 348 21.62 22.78 -7.12
CA ILE D 348 22.34 21.71 -6.44
C ILE D 348 21.48 20.46 -6.54
N TRP D 349 21.95 19.45 -7.25
CA TRP D 349 21.20 18.22 -7.39
C TRP D 349 21.48 17.24 -6.26
N PHE D 350 20.55 17.19 -5.31
CA PHE D 350 20.63 16.34 -4.13
C PHE D 350 20.77 14.87 -4.53
N ASP D 351 21.86 14.25 -4.09
CA ASP D 351 22.15 12.86 -4.42
C ASP D 351 22.00 11.93 -3.22
N GLU D 352 20.92 11.16 -3.19
CA GLU D 352 20.66 10.22 -2.09
C GLU D 352 21.82 9.24 -1.92
N ASN D 353 22.54 8.96 -3.00
CA ASN D 353 23.66 8.03 -2.98
C ASN D 353 24.96 8.68 -2.53
N ASP D 354 25.03 10.00 -2.61
CA ASP D 354 26.22 10.72 -2.18
C ASP D 354 25.84 12.03 -1.51
N MET D 355 25.17 11.92 -0.36
CA MET D 355 24.73 13.10 0.37
C MET D 355 25.89 13.98 0.86
N GLU D 356 27.06 13.38 1.08
CA GLU D 356 28.18 14.18 1.54
C GLU D 356 28.59 15.21 0.50
N SER D 357 28.60 14.81 -0.77
CA SER D 357 28.97 15.74 -1.84
C SER D 357 27.94 16.85 -1.93
N THR D 358 26.68 16.52 -1.67
CA THR D 358 25.62 17.51 -1.70
C THR D 358 25.86 18.52 -0.58
N PHE D 359 26.19 18.01 0.60
CA PHE D 359 26.46 18.86 1.75
C PHE D 359 27.71 19.72 1.53
N GLU D 360 28.73 19.14 0.91
CA GLU D 360 29.96 19.89 0.64
C GLU D 360 29.67 21.01 -0.35
N ARG D 361 28.75 20.76 -1.27
CA ARG D 361 28.40 21.78 -2.26
C ARG D 361 27.71 22.92 -1.51
N ILE D 362 26.81 22.56 -0.60
CA ILE D 362 26.09 23.54 0.20
C ILE D 362 27.04 24.37 1.06
N LYS D 363 28.02 23.71 1.68
CA LYS D 363 29.01 24.40 2.50
C LYS D 363 29.78 25.40 1.65
N GLU D 364 30.24 24.94 0.49
CA GLU D 364 31.00 25.79 -0.44
C GLU D 364 30.28 27.11 -0.68
N LEU D 365 29.00 27.03 -1.01
CA LEU D 365 28.22 28.22 -1.28
C LEU D 365 27.95 29.04 -0.03
N SER D 366 27.84 28.38 1.12
CA SER D 366 27.58 29.09 2.37
C SER D 366 28.80 29.88 2.82
N SER D 367 29.97 29.50 2.31
CA SER D 367 31.21 30.15 2.67
C SER D 367 31.53 31.39 1.83
N ASP D 368 31.15 31.35 0.56
CA ASP D 368 31.42 32.47 -0.35
C ASP D 368 30.15 33.12 -0.89
N ARG D 369 29.78 34.25 -0.30
CA ARG D 369 28.58 34.97 -0.72
C ARG D 369 28.61 35.38 -2.19
N ALA D 370 29.80 35.61 -2.73
CA ALA D 370 29.94 36.00 -4.12
C ALA D 370 29.54 34.83 -5.02
N LEU D 371 30.02 33.64 -4.67
CA LEU D 371 29.71 32.44 -5.44
C LEU D 371 28.22 32.11 -5.28
N TYR D 372 27.70 32.32 -4.08
CA TYR D 372 26.30 32.06 -3.78
C TYR D 372 25.39 32.86 -4.71
N ASP D 373 25.67 34.15 -4.82
CA ASP D 373 24.91 35.07 -5.65
C ASP D 373 25.02 34.65 -7.12
N ARG D 374 26.19 34.19 -7.51
CA ARG D 374 26.46 33.74 -8.87
C ARG D 374 25.60 32.54 -9.26
N GLU D 375 25.45 31.60 -8.32
CA GLU D 375 24.67 30.40 -8.58
C GLU D 375 23.16 30.63 -8.64
N ARG D 376 22.62 31.38 -7.69
CA ARG D 376 21.19 31.62 -7.70
C ARG D 376 20.76 32.45 -8.92
N GLU D 377 21.59 33.41 -9.32
CA GLU D 377 21.26 34.22 -10.50
C GLU D 377 21.17 33.25 -11.67
N LYS D 378 22.03 32.23 -11.64
CA LYS D 378 22.03 31.23 -12.68
C LYS D 378 20.74 30.40 -12.60
N ALA D 379 20.38 29.99 -11.39
CA ALA D 379 19.17 29.20 -11.18
C ALA D 379 17.92 29.95 -11.64
N TYR D 380 17.82 31.21 -11.24
CA TYR D 380 16.68 32.03 -11.62
C TYR D 380 16.50 32.11 -13.13
N GLU D 381 17.57 32.42 -13.85
CA GLU D 381 17.51 32.54 -15.30
C GLU D 381 17.15 31.21 -15.97
N PHE D 382 17.74 30.12 -15.48
CA PHE D 382 17.47 28.80 -16.03
C PHE D 382 16.00 28.46 -15.84
N LEU D 383 15.52 28.59 -14.60
CA LEU D 383 14.13 28.29 -14.28
C LEU D 383 13.17 29.20 -15.05
N TYR D 384 13.56 30.46 -15.21
CA TYR D 384 12.76 31.43 -15.95
C TYR D 384 12.60 30.96 -17.40
N GLN D 385 13.71 30.60 -18.02
CA GLN D 385 13.70 30.13 -19.40
C GLN D 385 12.91 28.84 -19.57
N HIS D 386 12.99 27.98 -18.55
CA HIS D 386 12.33 26.70 -18.62
C HIS D 386 10.83 26.65 -18.41
N GLN D 387 10.31 27.46 -17.49
CA GLN D 387 8.88 27.37 -17.19
C GLN D 387 8.20 28.68 -16.81
N ASP D 388 8.69 29.82 -17.31
CA ASP D 388 8.03 31.08 -16.99
C ASP D 388 6.73 31.14 -17.78
N SER D 389 5.71 31.74 -17.19
CA SER D 389 4.39 31.87 -17.82
C SER D 389 4.43 32.55 -19.19
N SER D 390 5.30 33.54 -19.34
CA SER D 390 5.42 34.26 -20.59
C SER D 390 5.72 33.33 -21.76
N PHE D 391 6.35 32.20 -21.48
CA PHE D 391 6.68 31.23 -22.52
C PHE D 391 5.63 30.13 -22.63
N CYS D 392 5.41 29.44 -21.51
CA CYS D 392 4.50 28.32 -21.44
C CYS D 392 3.03 28.60 -21.72
N PHE D 393 2.48 29.66 -21.14
CA PHE D 393 1.08 29.99 -21.38
C PHE D 393 0.86 30.47 -22.82
N LYS D 394 1.91 31.02 -23.43
CA LYS D 394 1.83 31.49 -24.80
C LYS D 394 1.72 30.24 -25.67
N GLU D 395 2.57 29.26 -25.34
CA GLU D 395 2.60 27.98 -26.05
C GLU D 395 1.24 27.29 -25.95
N GLN D 396 0.66 27.29 -24.75
CA GLN D 396 -0.63 26.65 -24.54
C GLN D 396 -1.76 27.43 -25.25
N PHE D 397 -1.68 28.76 -25.24
CA PHE D 397 -2.70 29.57 -25.90
C PHE D 397 -2.72 29.33 -27.41
N ASP D 398 -1.53 29.18 -28.00
CA ASP D 398 -1.42 28.93 -29.43
C ASP D 398 -2.00 27.56 -29.78
N ILE D 399 -1.81 26.60 -28.89
CA ILE D 399 -2.36 25.27 -29.10
C ILE D 399 -3.88 25.37 -28.96
N ILE D 400 -4.33 26.10 -27.95
CA ILE D 400 -5.76 26.28 -27.72
C ILE D 400 -6.45 26.99 -28.88
N THR D 401 -5.76 27.93 -29.49
CA THR D 401 -6.29 28.72 -30.61
C THR D 401 -6.35 28.00 -31.96
N LYS D 402 -5.25 27.38 -32.37
CA LYS D 402 -5.20 26.69 -33.65
C LYS D 402 -4.65 25.28 -33.48
#